data_5IQG
#
_entry.id   5IQG
#
_cell.length_a   90.260
_cell.length_b   98.480
_cell.length_c   93.020
_cell.angle_alpha   90.00
_cell.angle_beta   105.26
_cell.angle_gamma   90.00
#
_symmetry.space_group_name_H-M   'P 1 21 1'
#
loop_
_entity.id
_entity.type
_entity.pdbx_description
1 polymer 'Bifunctional AAC/APH'
2 non-polymer "GUANOSINE-5'-DIPHOSPHATE"
3 non-polymer 'gentamicin C1'
4 non-polymer 'MAGNESIUM ION'
5 non-polymer 'CHLORIDE ION'
6 water water
#
_entity_poly.entity_id   1
_entity_poly.type   'polypeptide(L)'
_entity_poly.pdbx_seq_one_letter_code
;MEYRYDDNATNVKAMKYLIEHYFDNFKVDSIEIIGSGYDSVAYLVNNEYIFKTKFSTNKKKGYAKEKAIYNFLNTNLETN
VKIPNIEYSYISDELSILGYKEIKGTFLTPEIYSTMSEEEQNLLKRDIASFLRQMHGLDYTDISECTIDNKQNVLEEYIL
LRETIYNDLTDIEKDYIESFMERLNATTVFEGKKCLCHNDFSCNHLLLDGNNRLTGIIDFGDSGIIDEYCDFIYLLEDSE
EEIGTNFGEDILRMYGNIDIEKAKEYQDIVEEYYPIETIVYGIKNIKQEFIENGRKEIYKRTYKD
;
_entity_poly.pdbx_strand_id   A,B,C,D
#
# COMPACT_ATOMS: atom_id res chain seq x y z
N ALA A 9 10.62 25.31 -0.22
CA ALA A 9 9.24 25.49 -0.77
C ALA A 9 8.84 24.36 -1.74
N THR A 10 9.82 23.78 -2.44
CA THR A 10 9.55 22.66 -3.32
C THR A 10 9.12 21.35 -2.64
N ASN A 11 9.80 20.98 -1.56
CA ASN A 11 9.55 19.76 -0.78
C ASN A 11 8.16 19.76 -0.30
N VAL A 12 7.80 20.90 0.27
CA VAL A 12 6.51 21.10 0.86
C VAL A 12 5.40 20.89 -0.19
N LYS A 13 5.62 21.42 -1.39
CA LYS A 13 4.62 21.33 -2.45
C LYS A 13 4.42 19.90 -2.90
N ALA A 14 5.52 19.20 -3.07
CA ALA A 14 5.48 17.79 -3.44
C ALA A 14 4.72 16.97 -2.39
N MET A 15 5.01 17.24 -1.13
CA MET A 15 4.40 16.47 -0.06
C MET A 15 2.93 16.83 0.12
N LYS A 16 2.63 18.10 -0.09
CA LYS A 16 1.23 18.53 -0.11
C LYS A 16 0.47 17.76 -1.18
N TYR A 17 1.09 17.65 -2.34
CA TYR A 17 0.47 16.92 -3.41
C TYR A 17 0.23 15.48 -3.06
N LEU A 18 1.25 14.84 -2.50
CA LEU A 18 1.18 13.41 -2.20
C LEU A 18 0.16 13.09 -1.11
N ILE A 19 0.07 13.96 -0.12
CA ILE A 19 -0.92 13.81 0.92
C ILE A 19 -2.34 13.88 0.36
N GLU A 20 -2.58 14.92 -0.47
CA GLU A 20 -3.90 15.09 -1.05
C GLU A 20 -4.22 13.98 -2.04
N HIS A 21 -3.19 13.43 -2.64
CA HIS A 21 -3.39 12.38 -3.64
C HIS A 21 -3.73 11.05 -2.97
N TYR A 22 -3.02 10.68 -1.91
CA TYR A 22 -3.22 9.37 -1.28
C TYR A 22 -4.37 9.36 -0.27
N PHE A 23 -4.67 10.52 0.30
CA PHE A 23 -5.74 10.63 1.31
C PHE A 23 -6.86 11.52 0.78
N ASP A 24 -7.87 10.91 0.19
CA ASP A 24 -8.76 11.60 -0.76
C ASP A 24 -9.44 12.86 -0.35
N ASN A 25 -10.22 12.82 0.70
CA ASN A 25 -10.88 14.04 1.16
C ASN A 25 -10.03 14.85 2.13
N PHE A 26 -8.74 14.71 2.03
CA PHE A 26 -7.89 15.48 2.97
C PHE A 26 -7.42 16.72 2.25
N LYS A 27 -7.67 17.85 2.82
CA LYS A 27 -7.28 19.14 2.23
C LYS A 27 -6.21 19.79 3.04
N VAL A 28 -5.10 20.08 2.40
CA VAL A 28 -3.97 20.75 3.05
C VAL A 28 -4.14 22.25 2.89
N ASP A 29 -4.41 22.91 3.99
CA ASP A 29 -4.49 24.36 4.03
C ASP A 29 -3.15 24.98 4.40
N SER A 30 -2.37 24.31 5.23
CA SER A 30 -1.01 24.78 5.55
C SER A 30 -0.12 23.59 5.78
N ILE A 31 1.16 23.77 5.53
CA ILE A 31 2.13 22.68 5.68
C ILE A 31 3.52 23.23 5.81
N GLU A 32 4.22 22.78 6.84
CA GLU A 32 5.61 23.20 7.07
C GLU A 32 6.45 22.02 7.56
N ILE A 33 7.74 22.08 7.28
CA ILE A 33 8.67 21.10 7.82
C ILE A 33 8.88 21.39 9.29
N ILE A 34 8.66 20.40 10.14
CA ILE A 34 8.75 20.59 11.58
C ILE A 34 9.93 19.81 12.14
N GLY A 35 10.43 18.85 11.35
CA GLY A 35 11.62 18.11 11.72
C GLY A 35 12.03 17.09 10.71
N SER A 36 13.19 16.50 10.95
CA SER A 36 13.68 15.46 10.08
C SER A 36 14.58 14.46 10.84
N GLY A 37 14.87 13.36 10.16
CA GLY A 37 15.99 12.47 10.48
C GLY A 37 16.89 12.42 9.27
N TYR A 38 17.81 11.47 9.21
CA TYR A 38 18.71 11.45 8.05
C TYR A 38 18.02 10.82 6.84
N ASP A 39 16.98 10.06 7.09
CA ASP A 39 16.25 9.30 6.08
C ASP A 39 14.80 9.74 5.89
N SER A 40 14.35 10.71 6.68
CA SER A 40 12.96 11.06 6.73
C SER A 40 12.70 12.52 6.99
N VAL A 41 11.47 12.94 6.73
CA VAL A 41 11.05 14.32 7.03
C VAL A 41 9.67 14.32 7.62
N ALA A 42 9.46 15.15 8.62
CA ALA A 42 8.15 15.30 9.25
C ALA A 42 7.59 16.70 8.98
N TYR A 43 6.30 16.74 8.72
CA TYR A 43 5.61 17.97 8.34
C TYR A 43 4.47 18.21 9.32
N LEU A 44 4.29 19.47 9.73
CA LEU A 44 3.11 19.90 10.44
C LEU A 44 2.08 20.50 9.46
N VAL A 45 0.91 19.88 9.42
CA VAL A 45 -0.11 20.13 8.40
C VAL A 45 -1.35 20.69 9.08
N ASN A 46 -1.87 21.82 8.59
CA ASN A 46 -3.02 22.52 9.16
C ASN A 46 -2.90 22.82 10.66
N ASN A 47 -1.69 23.07 11.08
CA ASN A 47 -1.34 23.25 12.48
C ASN A 47 -1.94 22.20 13.44
N GLU A 48 -2.17 21.00 12.94
CA GLU A 48 -2.95 20.00 13.65
C GLU A 48 -2.35 18.57 13.51
N TYR A 49 -1.87 18.23 12.31
CA TYR A 49 -1.39 16.89 12.03
C TYR A 49 0.09 16.85 11.76
N ILE A 50 0.70 15.75 12.21
CA ILE A 50 2.06 15.41 11.84
C ILE A 50 1.94 14.40 10.72
N PHE A 51 2.69 14.64 9.66
CA PHE A 51 2.89 13.63 8.64
C PHE A 51 4.38 13.32 8.56
N LYS A 52 4.72 12.08 8.90
CA LYS A 52 6.07 11.54 8.83
C LYS A 52 6.21 10.87 7.50
N THR A 53 7.30 11.12 6.79
CA THR A 53 7.46 10.56 5.48
C THR A 53 8.85 10.11 5.22
N LYS A 54 8.96 9.11 4.37
CA LYS A 54 10.25 8.54 4.00
C LYS A 54 10.12 7.97 2.60
N PHE A 55 11.18 8.03 1.80
CA PHE A 55 11.15 7.50 0.42
C PHE A 55 11.85 6.15 0.31
N SER A 56 12.35 5.75 -0.86
CA SER A 56 13.04 4.43 -0.99
C SER A 56 14.15 4.33 0.07
N THR A 57 14.03 3.40 1.01
CA THR A 57 14.99 3.27 2.13
C THR A 57 15.49 1.77 2.38
N ASN A 58 16.35 1.59 3.39
CA ASN A 58 17.00 0.32 3.69
C ASN A 58 15.94 -0.56 4.33
N LYS A 59 15.31 -0.06 5.40
CA LYS A 59 14.19 -0.75 6.07
C LYS A 59 12.86 -0.57 5.26
N LYS A 60 12.69 -1.41 4.24
CA LYS A 60 11.53 -1.34 3.31
C LYS A 60 10.18 -1.50 4.09
N LYS A 61 10.14 -2.44 5.04
CA LYS A 61 8.93 -2.72 5.86
C LYS A 61 8.83 -1.83 7.12
N GLY A 62 9.47 -0.68 7.10
CA GLY A 62 9.70 0.12 8.30
C GLY A 62 8.54 0.82 8.94
N TYR A 63 7.81 1.65 8.17
CA TYR A 63 6.59 2.32 8.69
C TYR A 63 5.46 1.29 8.96
N ALA A 64 5.56 0.10 8.35
CA ALA A 64 4.59 -0.94 8.65
C ALA A 64 4.71 -1.37 10.13
N LYS A 65 5.91 -1.63 10.61
CA LYS A 65 6.13 -2.03 11.96
C LYS A 65 5.79 -0.94 12.94
N GLU A 66 6.17 0.28 12.58
CA GLU A 66 6.00 1.41 13.47
C GLU A 66 4.50 1.60 13.69
N LYS A 67 3.73 1.50 12.60
CA LYS A 67 2.28 1.56 12.64
C LYS A 67 1.69 0.45 13.48
N ALA A 68 2.17 -0.78 13.29
CA ALA A 68 1.70 -1.91 14.09
C ALA A 68 1.95 -1.65 15.59
N ILE A 69 3.08 -1.03 15.89
CA ILE A 69 3.38 -0.77 17.27
C ILE A 69 2.47 0.34 17.85
N TYR A 70 2.22 1.42 17.11
CA TYR A 70 1.29 2.43 17.59
C TYR A 70 -0.08 1.82 17.87
N ASN A 71 -0.54 0.99 16.95
CA ASN A 71 -1.85 0.36 17.09
C ASN A 71 -1.84 -0.55 18.34
N PHE A 72 -0.79 -1.36 18.51
CA PHE A 72 -0.70 -2.23 19.66
C PHE A 72 -0.68 -1.44 20.97
N LEU A 73 0.03 -0.33 20.99
CA LEU A 73 0.14 0.45 22.20
C LEU A 73 -1.14 1.22 22.51
N ASN A 74 -1.79 1.75 21.48
CA ASN A 74 -3.01 2.52 21.69
C ASN A 74 -4.13 1.59 22.19
N THR A 75 -4.09 0.34 21.76
CA THR A 75 -4.99 -0.67 22.26
C THR A 75 -4.70 -1.07 23.71
N ASN A 76 -3.44 -1.27 24.04
CA ASN A 76 -3.08 -1.97 25.30
C ASN A 76 -2.50 -1.11 26.42
N LEU A 77 -2.01 0.09 26.16
CA LEU A 77 -1.52 0.93 27.25
C LEU A 77 -2.67 1.56 27.98
N GLU A 78 -2.57 1.64 29.29
CA GLU A 78 -3.47 2.50 30.06
C GLU A 78 -2.58 3.62 30.63
N THR A 79 -2.64 4.81 30.03
CA THR A 79 -1.75 5.86 30.47
C THR A 79 -2.36 7.19 30.07
N ASN A 80 -2.03 8.26 30.80
CA ASN A 80 -2.37 9.60 30.38
C ASN A 80 -1.38 10.19 29.38
N VAL A 81 -0.24 9.53 29.22
CA VAL A 81 0.77 10.02 28.33
C VAL A 81 0.35 9.73 26.90
N LYS A 82 0.37 10.75 26.06
CA LYS A 82 -0.05 10.58 24.66
C LYS A 82 1.06 10.05 23.80
N ILE A 83 0.71 9.20 22.85
CA ILE A 83 1.61 8.72 21.82
C ILE A 83 0.91 8.81 20.44
N PRO A 84 1.62 8.77 19.32
CA PRO A 84 0.95 8.94 18.07
C PRO A 84 -0.17 7.96 17.88
N ASN A 85 -1.29 8.43 17.34
CA ASN A 85 -2.37 7.54 17.00
C ASN A 85 -2.66 7.67 15.50
N ILE A 86 -2.28 6.64 14.75
CA ILE A 86 -2.23 6.75 13.30
C ILE A 86 -3.61 6.83 12.66
N GLU A 87 -3.88 7.93 11.98
CA GLU A 87 -5.15 8.12 11.25
C GLU A 87 -4.98 7.93 9.76
N TYR A 88 -3.80 8.23 9.24
CA TYR A 88 -3.55 8.06 7.82
C TYR A 88 -2.27 7.28 7.63
N SER A 89 -2.27 6.35 6.70
CA SER A 89 -1.04 5.66 6.39
C SER A 89 -1.04 5.29 4.93
N TYR A 90 0.12 5.38 4.29
CA TYR A 90 0.38 4.82 2.97
C TYR A 90 1.75 4.17 3.03
N ILE A 91 1.83 2.91 2.66
CA ILE A 91 3.09 2.20 2.79
C ILE A 91 3.47 1.44 1.53
N SER A 92 4.69 1.67 1.04
CA SER A 92 5.20 1.03 -0.19
C SER A 92 6.71 1.04 -0.09
N ASP A 93 7.36 0.28 -0.95
CA ASP A 93 8.83 0.24 -0.97
C ASP A 93 9.43 1.62 -1.21
N GLU A 94 8.77 2.38 -2.10
CA GLU A 94 9.33 3.62 -2.57
C GLU A 94 8.92 4.81 -1.67
N LEU A 95 7.87 4.67 -0.91
CA LEU A 95 7.29 5.78 -0.17
C LEU A 95 6.42 5.32 0.96
N SER A 96 6.62 5.90 2.13
CA SER A 96 5.77 5.63 3.27
C SER A 96 5.46 6.92 3.99
N ILE A 97 4.18 7.01 4.37
CA ILE A 97 3.65 8.16 5.06
C ILE A 97 2.80 7.68 6.23
N LEU A 98 3.01 8.30 7.40
CA LEU A 98 2.14 8.11 8.57
C LEU A 98 1.67 9.45 9.00
N GLY A 99 0.38 9.55 9.22
CA GLY A 99 -0.21 10.77 9.76
C GLY A 99 -0.96 10.57 11.06
N TYR A 100 -0.76 11.50 11.99
CA TYR A 100 -1.42 11.47 13.26
C TYR A 100 -1.57 12.88 13.76
N LYS A 101 -2.44 13.08 14.74
CA LYS A 101 -2.57 14.41 15.36
C LYS A 101 -1.32 14.70 16.17
N GLU A 102 -0.84 15.93 15.96
CA GLU A 102 0.36 16.41 16.58
C GLU A 102 0.19 16.32 18.07
N ILE A 103 1.20 15.72 18.70
CA ILE A 103 1.22 15.73 20.15
C ILE A 103 1.83 17.04 20.61
N LYS A 104 1.03 17.77 21.37
CA LYS A 104 1.34 19.13 21.76
C LYS A 104 2.17 19.17 23.01
N GLY A 105 3.09 20.12 23.08
CA GLY A 105 3.93 20.24 24.23
C GLY A 105 5.28 20.83 23.86
N THR A 106 6.17 20.81 24.81
CA THR A 106 7.55 21.27 24.67
C THR A 106 8.52 20.12 24.93
N PHE A 107 9.44 19.92 24.00
CA PHE A 107 10.41 18.85 24.14
C PHE A 107 11.34 19.10 25.28
N LEU A 108 11.60 18.04 26.04
CA LEU A 108 12.52 18.11 27.17
C LEU A 108 13.92 18.37 26.67
N THR A 109 14.60 19.26 27.32
CA THR A 109 16.00 19.58 27.03
C THR A 109 16.74 19.77 28.35
N PRO A 110 18.08 19.64 28.32
CA PRO A 110 18.86 19.92 29.52
C PRO A 110 18.60 21.29 30.12
N GLU A 111 18.44 22.27 29.28
CA GLU A 111 18.23 23.65 29.67
C GLU A 111 16.96 23.76 30.50
N ILE A 112 15.87 23.23 29.94
CA ILE A 112 14.61 23.26 30.60
C ILE A 112 14.65 22.48 31.91
N TYR A 113 15.30 21.33 31.92
CA TYR A 113 15.38 20.54 33.12
C TYR A 113 16.03 21.35 34.25
N SER A 114 17.09 22.05 33.92
CA SER A 114 17.82 22.82 34.91
C SER A 114 17.01 23.99 35.50
N THR A 115 15.96 24.44 34.79
CA THR A 115 15.06 25.47 35.38
C THR A 115 13.98 24.88 36.30
N MET A 116 13.80 23.57 36.18
CA MET A 116 12.73 22.94 36.97
C MET A 116 13.13 22.88 38.45
N SER A 117 12.19 23.02 39.35
CA SER A 117 12.41 22.76 40.78
C SER A 117 12.71 21.30 41.01
N GLU A 118 13.33 21.01 42.14
CA GLU A 118 13.60 19.62 42.52
C GLU A 118 12.34 18.74 42.48
N GLU A 119 11.22 19.25 42.96
CA GLU A 119 9.96 18.52 42.94
C GLU A 119 9.49 18.23 41.52
N GLU A 120 9.56 19.22 40.65
CA GLU A 120 9.21 19.05 39.27
C GLU A 120 10.06 18.00 38.61
N GLN A 121 11.35 18.04 38.88
CA GLN A 121 12.25 17.04 38.34
C GLN A 121 11.86 15.66 38.82
N ASN A 122 11.58 15.52 40.11
CA ASN A 122 11.16 14.24 40.66
C ASN A 122 9.91 13.72 40.02
N LEU A 123 8.93 14.58 39.79
CA LEU A 123 7.67 14.16 39.16
C LEU A 123 7.90 13.67 37.76
N LEU A 124 8.77 14.36 37.03
CA LEU A 124 9.09 13.95 35.68
C LEU A 124 9.77 12.60 35.68
N LYS A 125 10.73 12.38 36.55
CA LYS A 125 11.39 11.10 36.62
C LYS A 125 10.40 10.04 36.96
N ARG A 126 9.48 10.32 37.88
CA ARG A 126 8.45 9.34 38.24
C ARG A 126 7.56 9.03 37.09
N ASP A 127 7.18 10.09 36.32
CA ASP A 127 6.32 9.87 35.15
C ASP A 127 7.02 8.98 34.14
N ILE A 128 8.31 9.18 33.95
CA ILE A 128 9.05 8.39 32.98
C ILE A 128 9.17 6.94 33.45
N ALA A 129 9.55 6.76 34.68
CA ALA A 129 9.65 5.42 35.22
C ALA A 129 8.34 4.68 35.12
N SER A 130 7.28 5.38 35.42
CA SER A 130 5.93 4.84 35.31
C SER A 130 5.57 4.39 33.90
N PHE A 131 5.85 5.24 32.93
CA PHE A 131 5.55 4.91 31.57
C PHE A 131 6.33 3.69 31.14
N LEU A 132 7.61 3.69 31.43
CA LEU A 132 8.48 2.57 31.04
C LEU A 132 8.08 1.26 31.74
N ARG A 133 7.66 1.35 32.99
CA ARG A 133 7.26 0.17 33.76
C ARG A 133 6.02 -0.45 33.07
N GLN A 134 5.09 0.42 32.71
CA GLN A 134 3.88 -0.05 32.05
C GLN A 134 4.17 -0.62 30.68
N MET A 135 4.97 0.03 29.89
CA MET A 135 5.24 -0.47 28.56
C MET A 135 5.99 -1.79 28.60
N HIS A 136 7.00 -1.84 29.44
CA HIS A 136 7.79 -3.04 29.57
C HIS A 136 7.05 -4.21 30.15
N GLY A 137 5.97 -3.93 30.86
CA GLY A 137 5.15 -4.98 31.47
C GLY A 137 4.09 -5.52 30.56
N LEU A 138 3.92 -4.97 29.36
CA LEU A 138 2.91 -5.49 28.49
C LEU A 138 3.21 -6.86 27.99
N ASP A 139 2.14 -7.67 27.94
CA ASP A 139 2.18 -8.97 27.33
C ASP A 139 2.24 -8.68 25.83
N TYR A 140 3.31 -9.13 25.21
CA TYR A 140 3.65 -8.72 23.82
C TYR A 140 3.33 -9.84 22.80
N CYS A 146 7.93 -8.67 16.22
CA CYS A 146 8.73 -7.46 16.31
C CYS A 146 9.90 -7.58 17.30
N THR A 147 10.58 -8.71 17.28
CA THR A 147 11.79 -8.94 18.09
C THR A 147 12.98 -8.28 17.47
N ILE A 148 13.90 -7.86 18.32
CA ILE A 148 15.17 -7.33 17.89
C ILE A 148 16.21 -7.98 18.76
N ASP A 149 17.22 -8.57 18.16
CA ASP A 149 18.37 -9.17 18.85
C ASP A 149 19.60 -8.32 18.52
N ASN A 150 20.00 -7.44 19.41
CA ASN A 150 21.14 -6.53 19.16
C ASN A 150 22.45 -7.25 18.99
N LYS A 151 22.74 -8.29 19.75
CA LYS A 151 24.00 -9.01 19.62
C LYS A 151 24.11 -9.59 18.22
N GLN A 152 23.04 -10.27 17.79
CA GLN A 152 23.01 -10.90 16.52
C GLN A 152 23.12 -9.87 15.38
N ASN A 153 22.44 -8.74 15.56
CA ASN A 153 22.49 -7.64 14.61
C ASN A 153 23.87 -7.15 14.43
N VAL A 154 24.57 -6.94 15.52
CA VAL A 154 25.96 -6.49 15.48
C VAL A 154 26.85 -7.51 14.78
N LEU A 155 26.65 -8.78 15.06
CA LEU A 155 27.46 -9.79 14.39
C LEU A 155 27.24 -9.74 12.90
N GLU A 156 25.98 -9.59 12.45
CA GLU A 156 25.67 -9.45 11.05
C GLU A 156 26.26 -8.23 10.41
N GLU A 157 26.29 -7.14 11.14
CA GLU A 157 26.92 -5.90 10.67
C GLU A 157 28.41 -6.03 10.55
N TYR A 158 28.99 -6.78 11.49
CA TYR A 158 30.41 -7.06 11.46
C TYR A 158 30.75 -7.90 10.26
N ILE A 159 29.92 -8.88 9.96
CA ILE A 159 30.13 -9.70 8.77
C ILE A 159 30.08 -8.83 7.50
N LEU A 160 29.13 -7.90 7.44
CA LEU A 160 29.05 -6.99 6.33
C LEU A 160 30.33 -6.17 6.18
N LEU A 161 30.88 -5.68 7.29
CA LEU A 161 32.14 -4.96 7.28
C LEU A 161 33.24 -5.81 6.69
N ARG A 162 33.35 -7.07 7.17
CA ARG A 162 34.37 -7.96 6.70
C ARG A 162 34.23 -8.21 5.21
N GLU A 163 33.02 -8.22 4.72
CA GLU A 163 32.74 -8.47 3.31
C GLU A 163 32.98 -7.22 2.43
N THR A 164 33.08 -6.05 3.05
CA THR A 164 33.15 -4.83 2.27
C THR A 164 34.44 -4.11 2.52
N ILE A 165 34.45 -3.22 3.50
CA ILE A 165 35.60 -2.32 3.64
C ILE A 165 36.63 -2.62 4.72
N TYR A 166 36.39 -3.66 5.51
CA TYR A 166 37.28 -3.95 6.64
C TYR A 166 38.74 -4.00 6.24
N ASN A 167 39.05 -4.69 5.15
CA ASN A 167 40.46 -4.82 4.74
C ASN A 167 41.17 -3.52 4.36
N ASP A 168 40.40 -2.51 3.99
CA ASP A 168 40.92 -1.20 3.70
C ASP A 168 41.07 -0.29 4.93
N LEU A 169 40.63 -0.73 6.09
CA LEU A 169 40.70 0.11 7.27
C LEU A 169 42.10 0.14 7.82
N THR A 170 42.41 1.15 8.61
CA THR A 170 43.71 1.20 9.27
C THR A 170 43.79 0.22 10.44
N ASP A 171 45.00 -0.02 10.92
CA ASP A 171 45.21 -0.88 12.07
C ASP A 171 44.48 -0.33 13.27
N ILE A 172 44.53 0.98 13.45
CA ILE A 172 43.87 1.62 14.60
C ILE A 172 42.35 1.37 14.55
N GLU A 173 41.77 1.47 13.35
CA GLU A 173 40.36 1.25 13.18
C GLU A 173 40.01 -0.19 13.41
N LYS A 174 40.77 -1.08 12.81
CA LYS A 174 40.55 -2.51 12.97
C LYS A 174 40.64 -2.88 14.42
N ASP A 175 41.64 -2.38 15.15
CA ASP A 175 41.76 -2.71 16.54
C ASP A 175 40.59 -2.21 17.38
N TYR A 176 40.07 -1.03 17.09
CA TYR A 176 38.90 -0.52 17.78
C TYR A 176 37.74 -1.51 17.59
N ILE A 177 37.52 -1.94 16.37
CA ILE A 177 36.42 -2.84 16.06
C ILE A 177 36.59 -4.20 16.71
N GLU A 178 37.76 -4.77 16.59
CA GLU A 178 38.03 -6.07 17.20
C GLU A 178 37.93 -6.01 18.71
N SER A 179 38.44 -4.96 19.30
CA SER A 179 38.34 -4.77 20.73
C SER A 179 36.89 -4.72 21.18
N PHE A 180 36.08 -4.03 20.41
CA PHE A 180 34.65 -4.00 20.67
C PHE A 180 34.05 -5.40 20.55
N MET A 181 34.37 -6.13 19.49
CA MET A 181 33.76 -7.46 19.28
C MET A 181 34.16 -8.42 20.40
N GLU A 182 35.38 -8.29 20.91
CA GLU A 182 35.78 -9.06 22.04
C GLU A 182 34.94 -8.74 23.32
N ARG A 183 34.71 -7.48 23.54
CA ARG A 183 33.87 -7.07 24.62
C ARG A 183 32.44 -7.62 24.43
N LEU A 184 31.91 -7.52 23.24
CA LEU A 184 30.57 -7.99 22.94
C LEU A 184 30.44 -9.46 23.26
N ASN A 185 31.46 -10.23 23.00
CA ASN A 185 31.49 -11.65 23.18
C ASN A 185 31.56 -12.02 24.65
N ALA A 186 32.25 -11.19 25.43
CA ALA A 186 32.43 -11.47 26.83
C ALA A 186 31.30 -10.93 27.74
N THR A 187 30.54 -9.95 27.30
CA THR A 187 29.51 -9.39 28.14
C THR A 187 28.36 -10.38 28.41
N THR A 188 27.66 -10.17 29.51
CA THR A 188 26.43 -10.93 29.80
C THR A 188 25.19 -10.04 29.71
N VAL A 189 25.33 -8.78 29.30
CA VAL A 189 24.23 -7.85 29.35
C VAL A 189 23.06 -8.14 28.39
N PHE A 190 23.21 -9.06 27.45
CA PHE A 190 22.08 -9.48 26.60
C PHE A 190 21.33 -10.67 27.10
N GLU A 191 21.60 -11.15 28.31
CA GLU A 191 21.00 -12.36 28.78
C GLU A 191 19.84 -12.13 29.75
N GLY A 192 19.41 -10.89 29.89
CA GLY A 192 18.38 -10.54 30.81
C GLY A 192 17.01 -10.45 30.18
N LYS A 193 16.11 -9.78 30.89
CA LYS A 193 14.72 -9.65 30.48
C LYS A 193 14.60 -8.95 29.13
N LYS A 194 13.75 -9.55 28.30
CA LYS A 194 13.34 -8.99 27.03
C LYS A 194 11.94 -8.44 27.20
N CYS A 195 11.67 -7.27 26.67
CA CYS A 195 10.34 -6.72 26.65
C CYS A 195 10.18 -5.69 25.57
N LEU A 196 8.96 -5.23 25.39
CA LEU A 196 8.70 -4.21 24.39
C LEU A 196 9.29 -2.87 24.87
N CYS A 197 10.21 -2.34 24.09
CA CYS A 197 10.92 -1.09 24.41
C CYS A 197 10.73 -0.07 23.32
N HIS A 198 10.73 1.20 23.70
CA HIS A 198 10.65 2.30 22.75
C HIS A 198 11.88 2.25 21.84
N ASN A 199 13.01 2.07 22.48
CA ASN A 199 14.31 1.79 21.83
C ASN A 199 14.95 2.97 21.14
N ASP A 200 14.48 4.17 21.42
CA ASP A 200 15.16 5.39 21.00
C ASP A 200 14.72 6.49 21.96
N PHE A 201 14.89 6.19 23.24
CA PHE A 201 14.22 6.91 24.31
C PHE A 201 15.06 8.07 24.85
N SER A 202 15.18 9.10 24.04
CA SER A 202 16.02 10.23 24.33
C SER A 202 15.19 11.43 24.58
N CYS A 203 15.74 12.49 25.15
CA CYS A 203 14.84 13.54 25.61
C CYS A 203 14.21 14.35 24.45
N ASN A 204 14.77 14.32 23.27
CA ASN A 204 14.12 14.92 22.12
C ASN A 204 12.85 14.19 21.62
N HIS A 205 12.49 13.07 22.28
CA HIS A 205 11.22 12.43 21.99
C HIS A 205 10.25 12.57 23.15
N LEU A 206 10.59 13.34 24.16
CA LEU A 206 9.70 13.48 25.31
C LEU A 206 9.12 14.86 25.40
N LEU A 207 7.79 14.94 25.47
CA LEU A 207 7.08 16.20 25.50
C LEU A 207 6.56 16.55 26.86
N LEU A 208 6.76 17.80 27.27
CA LEU A 208 6.25 18.32 28.52
C LEU A 208 5.06 19.24 28.32
N ASP A 209 4.09 19.17 29.22
CA ASP A 209 2.97 20.12 29.25
C ASP A 209 3.39 21.38 29.99
N GLY A 210 2.43 22.25 30.25
CA GLY A 210 2.70 23.58 30.83
C GLY A 210 3.19 23.55 32.27
N ASN A 211 2.98 22.43 32.97
CA ASN A 211 3.49 22.23 34.32
C ASN A 211 4.78 21.39 34.37
N ASN A 212 5.42 21.21 33.23
CA ASN A 212 6.64 20.43 33.13
C ASN A 212 6.48 18.96 33.45
N ARG A 213 5.26 18.45 33.25
CA ARG A 213 5.00 17.04 33.40
C ARG A 213 5.05 16.41 32.03
N LEU A 214 5.38 15.13 32.04
CA LEU A 214 5.47 14.38 30.82
C LEU A 214 4.06 14.25 30.28
N THR A 215 3.87 14.71 29.05
CA THR A 215 2.54 14.70 28.45
C THR A 215 2.49 13.83 27.19
N GLY A 216 3.63 13.62 26.52
CA GLY A 216 3.64 12.77 25.33
C GLY A 216 4.99 12.22 24.99
N ILE A 217 5.00 11.14 24.21
CA ILE A 217 6.21 10.50 23.72
C ILE A 217 6.02 10.18 22.24
N ILE A 218 7.03 10.50 21.44
CA ILE A 218 6.96 10.24 20.00
C ILE A 218 8.02 9.27 19.56
N ASP A 219 7.94 8.92 18.30
CA ASP A 219 8.96 8.17 17.57
C ASP A 219 9.27 6.82 18.15
N PHE A 220 8.30 5.93 17.98
CA PHE A 220 8.46 4.54 18.32
C PHE A 220 8.89 3.80 17.05
N GLY A 221 9.53 4.52 16.13
CA GLY A 221 9.99 3.92 14.88
C GLY A 221 11.05 2.81 15.00
N ASP A 222 11.73 2.68 16.13
CA ASP A 222 12.74 1.60 16.32
C ASP A 222 12.29 0.62 17.40
N SER A 223 11.07 0.80 17.87
CA SER A 223 10.57 -0.01 18.92
C SER A 223 10.45 -1.49 18.58
N GLY A 224 10.56 -2.31 19.61
CA GLY A 224 10.52 -3.75 19.42
C GLY A 224 10.75 -4.48 20.71
N ILE A 225 10.70 -5.80 20.65
CA ILE A 225 10.91 -6.63 21.80
C ILE A 225 12.40 -6.85 21.88
N ILE A 226 13.02 -6.41 22.96
CA ILE A 226 14.46 -6.26 23.03
C ILE A 226 14.87 -6.22 24.50
N ASP A 227 16.16 -6.12 24.81
CA ASP A 227 16.59 -6.00 26.21
C ASP A 227 15.97 -4.82 26.93
N GLU A 228 15.43 -5.13 28.11
CA GLU A 228 14.89 -4.12 29.03
C GLU A 228 15.87 -2.95 29.27
N TYR A 229 17.17 -3.23 29.30
CA TYR A 229 18.16 -2.18 29.52
C TYR A 229 18.15 -1.07 28.43
N CYS A 230 17.64 -1.40 27.25
CA CYS A 230 17.66 -0.49 26.05
C CYS A 230 17.04 0.82 26.32
N ASP A 231 15.94 0.86 27.06
CA ASP A 231 15.24 2.12 27.23
C ASP A 231 15.90 3.08 28.19
N PHE A 232 17.04 2.69 28.79
CA PHE A 232 17.76 3.59 29.66
C PHE A 232 19.08 4.14 29.11
N ILE A 233 19.42 3.72 27.92
CA ILE A 233 20.66 4.05 27.28
C ILE A 233 20.83 5.55 27.14
N TYR A 234 19.77 6.29 26.75
CA TYR A 234 19.93 7.75 26.56
C TYR A 234 19.68 8.48 27.86
N LEU A 235 18.83 7.94 28.71
CA LEU A 235 18.64 8.51 30.02
C LEU A 235 19.91 8.48 30.83
N LEU A 236 20.76 7.49 30.58
CA LEU A 236 22.07 7.37 31.26
C LEU A 236 23.18 8.11 30.58
N GLU A 237 22.94 8.73 29.44
CA GLU A 237 24.01 9.33 28.65
C GLU A 237 24.44 10.69 29.19
N ASP A 238 25.74 10.85 29.21
CA ASP A 238 26.36 12.12 29.56
C ASP A 238 26.76 12.82 28.25
N SER A 239 25.94 13.75 27.82
CA SER A 239 26.21 14.55 26.60
C SER A 239 25.47 15.85 26.66
N GLU A 240 25.74 16.73 25.71
CA GLU A 240 25.08 18.03 25.66
C GLU A 240 23.62 17.89 25.31
N GLU A 241 23.25 16.83 24.63
CA GLU A 241 21.85 16.59 24.22
C GLU A 241 20.96 16.01 25.31
N GLU A 242 21.56 15.28 26.24
CA GLU A 242 20.79 14.54 27.24
C GLU A 242 20.99 15.16 28.62
N ILE A 243 20.18 14.77 29.57
CA ILE A 243 20.18 15.44 30.85
C ILE A 243 21.35 15.04 31.69
N GLY A 244 21.65 13.77 31.73
CA GLY A 244 22.83 13.30 32.49
C GLY A 244 22.64 11.95 33.17
N THR A 245 23.79 11.36 33.49
CA THR A 245 23.84 10.04 34.12
C THR A 245 22.97 9.96 35.39
N ASN A 246 22.98 10.99 36.23
CA ASN A 246 22.20 10.98 37.46
C ASN A 246 20.70 10.94 37.25
N PHE A 247 20.28 11.53 36.17
CA PHE A 247 18.88 11.52 35.74
C PHE A 247 18.46 10.07 35.48
N GLY A 248 19.26 9.38 34.69
CA GLY A 248 19.03 7.97 34.35
C GLY A 248 19.16 7.02 35.55
N GLU A 249 20.13 7.29 36.41
CA GLU A 249 20.23 6.52 37.65
C GLU A 249 18.99 6.66 38.53
N ASP A 250 18.56 7.90 38.74
CA ASP A 250 17.40 8.12 39.58
C ASP A 250 16.16 7.44 38.99
N ILE A 251 15.99 7.53 37.68
CA ILE A 251 14.88 6.89 37.04
C ILE A 251 14.97 5.39 37.19
N LEU A 252 16.14 4.82 37.03
CA LEU A 252 16.31 3.40 37.22
C LEU A 252 15.93 2.98 38.65
N ARG A 253 16.26 3.80 39.62
CA ARG A 253 15.89 3.47 41.00
C ARG A 253 14.38 3.51 41.19
N MET A 254 13.72 4.51 40.59
CA MET A 254 12.27 4.57 40.69
C MET A 254 11.61 3.45 39.91
N TYR A 255 12.20 3.06 38.80
CA TYR A 255 11.66 2.00 37.96
C TYR A 255 11.68 0.67 38.72
N GLY A 256 12.83 0.41 39.37
CA GLY A 256 12.98 -0.72 40.26
C GLY A 256 13.26 -2.06 39.61
N ASN A 257 13.80 -2.98 40.37
CA ASN A 257 13.99 -4.36 39.95
C ASN A 257 14.81 -4.40 38.68
N ILE A 258 15.96 -3.77 38.71
CA ILE A 258 16.81 -3.78 37.58
C ILE A 258 18.18 -3.54 38.04
N ASP A 259 19.13 -4.28 37.50
CA ASP A 259 20.53 -4.14 37.85
C ASP A 259 21.14 -2.89 37.18
N ILE A 260 21.38 -1.88 37.99
CA ILE A 260 21.85 -0.58 37.51
C ILE A 260 23.22 -0.61 36.90
N GLU A 261 24.06 -1.43 37.42
CA GLU A 261 25.42 -1.56 36.89
C GLU A 261 25.39 -2.19 35.52
N LYS A 262 24.50 -3.17 35.31
CA LYS A 262 24.38 -3.78 34.00
C LYS A 262 23.72 -2.83 33.01
N ALA A 263 22.76 -2.03 33.46
CA ALA A 263 22.21 -1.03 32.59
C ALA A 263 23.30 -0.10 32.12
N LYS A 264 24.21 0.29 33.00
CA LYS A 264 25.31 1.13 32.59
C LYS A 264 26.31 0.45 31.70
N GLU A 265 26.57 -0.83 31.96
CA GLU A 265 27.40 -1.56 31.06
C GLU A 265 26.79 -1.58 29.65
N TYR A 266 25.48 -1.78 29.58
CA TYR A 266 24.77 -1.86 28.30
C TYR A 266 24.90 -0.53 27.58
N GLN A 267 24.66 0.55 28.28
CA GLN A 267 24.84 1.88 27.68
C GLN A 267 26.25 2.10 27.17
N ASP A 268 27.21 1.66 27.97
CA ASP A 268 28.65 1.91 27.62
C ASP A 268 29.06 1.11 26.38
N ILE A 269 28.50 -0.07 26.24
CA ILE A 269 28.76 -0.91 25.07
C ILE A 269 28.09 -0.32 23.82
N VAL A 270 26.85 0.13 23.94
CA VAL A 270 26.18 0.76 22.84
C VAL A 270 26.90 2.02 22.43
N GLU A 271 27.42 2.77 23.38
CA GLU A 271 28.14 3.98 23.06
C GLU A 271 29.44 3.65 22.32
N GLU A 272 30.14 2.64 22.77
CA GLU A 272 31.35 2.21 22.08
C GLU A 272 31.04 1.79 20.65
N TYR A 273 29.91 1.16 20.40
CA TYR A 273 29.52 0.71 19.07
C TYR A 273 29.19 1.82 18.08
N TYR A 274 28.83 2.99 18.59
CA TYR A 274 28.28 4.07 17.78
C TYR A 274 29.08 4.43 16.49
N PRO A 275 30.40 4.62 16.59
CA PRO A 275 31.18 4.89 15.39
C PRO A 275 31.08 3.78 14.36
N ILE A 276 30.95 2.56 14.81
CA ILE A 276 30.93 1.43 13.93
C ILE A 276 29.56 1.37 13.27
N GLU A 277 28.55 1.62 14.08
CA GLU A 277 27.19 1.73 13.58
C GLU A 277 27.09 2.81 12.47
N THR A 278 27.79 3.90 12.65
CA THR A 278 27.81 4.99 11.74
C THR A 278 28.48 4.55 10.43
N ILE A 279 29.58 3.84 10.54
CA ILE A 279 30.26 3.32 9.34
C ILE A 279 29.33 2.40 8.58
N VAL A 280 28.68 1.51 9.30
CA VAL A 280 27.80 0.51 8.72
C VAL A 280 26.62 1.18 8.00
N TYR A 281 26.08 2.20 8.62
CA TYR A 281 25.02 2.98 7.99
C TYR A 281 25.51 3.53 6.66
N GLY A 282 26.74 4.04 6.62
CA GLY A 282 27.30 4.57 5.39
C GLY A 282 27.47 3.55 4.29
N ILE A 283 27.88 2.37 4.68
CA ILE A 283 28.03 1.27 3.74
C ILE A 283 26.68 0.89 3.17
N LYS A 284 25.74 0.62 4.04
CA LYS A 284 24.43 0.12 3.60
C LYS A 284 23.71 1.13 2.70
N ASN A 285 23.85 2.41 3.00
CA ASN A 285 23.15 3.46 2.27
C ASN A 285 24.01 4.15 1.24
N ILE A 286 25.20 3.63 1.00
CA ILE A 286 26.13 4.19 0.02
C ILE A 286 26.30 5.68 0.30
N LYS A 287 26.70 6.02 1.52
CA LYS A 287 26.95 7.40 1.90
C LYS A 287 28.30 7.50 2.55
N GLN A 288 29.27 7.85 1.73
CA GLN A 288 30.66 7.92 2.13
C GLN A 288 30.86 8.83 3.34
N GLU A 289 30.11 9.89 3.44
CA GLU A 289 30.29 10.86 4.52
C GLU A 289 30.17 10.19 5.90
N PHE A 290 29.28 9.21 6.01
CA PHE A 290 29.09 8.48 7.25
C PHE A 290 30.23 7.53 7.55
N ILE A 291 30.75 6.92 6.50
CA ILE A 291 31.92 6.06 6.65
C ILE A 291 33.08 6.88 7.22
N GLU A 292 33.32 8.03 6.61
CA GLU A 292 34.40 8.91 7.02
C GLU A 292 34.17 9.39 8.45
N ASN A 293 32.97 9.81 8.78
CA ASN A 293 32.71 10.37 10.11
C ASN A 293 32.94 9.31 11.18
N GLY A 294 32.48 8.10 10.95
CA GLY A 294 32.64 7.07 11.94
C GLY A 294 34.09 6.70 12.14
N ARG A 295 34.86 6.68 11.07
CA ARG A 295 36.28 6.39 11.16
C ARG A 295 37.03 7.45 11.91
N LYS A 296 36.71 8.70 11.64
CA LYS A 296 37.32 9.82 12.35
C LYS A 296 36.96 9.77 13.85
N GLU A 297 35.71 9.39 14.15
CA GLU A 297 35.32 9.30 15.54
C GLU A 297 36.10 8.18 16.31
N ILE A 298 36.46 7.14 15.59
CA ILE A 298 37.31 6.09 16.17
C ILE A 298 38.64 6.68 16.63
N TYR A 299 39.26 7.50 15.79
CA TYR A 299 40.51 8.17 16.17
C TYR A 299 40.32 9.10 17.34
N LYS A 300 39.21 9.87 17.34
CA LYS A 300 39.00 10.79 18.46
C LYS A 300 38.89 10.02 19.79
N ARG A 301 38.18 8.91 19.76
CA ARG A 301 37.98 8.10 20.95
C ARG A 301 39.26 7.37 21.34
N THR A 302 40.05 6.93 20.38
CA THR A 302 41.30 6.23 20.65
C THR A 302 42.29 7.11 21.37
N TYR A 303 42.30 8.40 21.04
CA TYR A 303 43.29 9.34 21.61
C TYR A 303 42.77 10.16 22.77
N LYS A 304 41.53 9.96 23.16
CA LYS A 304 40.99 10.62 24.36
C LYS A 304 41.71 9.95 25.53
N ASP A 305 42.15 10.73 26.49
CA ASP A 305 42.74 10.15 27.67
C ASP A 305 42.10 10.87 28.84
N ASP B 6 19.07 18.68 4.36
CA ASP B 6 19.21 19.09 2.95
C ASP B 6 17.80 19.13 2.33
N ASP B 7 17.30 20.36 2.19
CA ASP B 7 16.11 20.68 1.33
C ASP B 7 16.35 20.18 -0.13
N ASN B 8 17.57 20.35 -0.62
CA ASN B 8 18.07 19.79 -1.88
C ASN B 8 17.78 18.29 -2.09
N ALA B 9 18.36 17.42 -1.28
CA ALA B 9 18.18 15.97 -1.38
C ALA B 9 16.70 15.52 -1.27
N THR B 10 15.91 16.23 -0.47
CA THR B 10 14.50 15.81 -0.31
C THR B 10 13.64 16.04 -1.59
N ASN B 11 13.85 17.20 -2.22
CA ASN B 11 13.08 17.60 -3.42
C ASN B 11 13.28 16.65 -4.50
N VAL B 12 14.54 16.31 -4.66
CA VAL B 12 15.00 15.42 -5.70
C VAL B 12 14.33 14.05 -5.54
N LYS B 13 14.23 13.57 -4.29
CA LYS B 13 13.67 12.24 -4.01
C LYS B 13 12.20 12.22 -4.37
N ALA B 14 11.50 13.27 -3.97
CA ALA B 14 10.09 13.39 -4.26
C ALA B 14 9.85 13.41 -5.80
N MET B 15 10.66 14.17 -6.52
CA MET B 15 10.48 14.28 -7.93
C MET B 15 10.89 12.99 -8.66
N LYS B 16 11.94 12.33 -8.17
CA LYS B 16 12.28 11.01 -8.67
C LYS B 16 11.09 10.07 -8.55
N TYR B 17 10.47 10.09 -7.38
CA TYR B 17 9.33 9.26 -7.14
C TYR B 17 8.19 9.57 -8.08
N LEU B 18 7.89 10.84 -8.28
CA LEU B 18 6.77 11.24 -9.11
C LEU B 18 7.02 10.87 -10.58
N ILE B 19 8.24 11.07 -11.06
CA ILE B 19 8.59 10.72 -12.42
C ILE B 19 8.38 9.24 -12.66
N GLU B 20 8.94 8.42 -11.76
CA GLU B 20 8.82 6.99 -11.91
C GLU B 20 7.39 6.53 -11.74
N HIS B 21 6.61 7.28 -10.97
CA HIS B 21 5.23 6.91 -10.72
C HIS B 21 4.35 7.19 -11.92
N TYR B 22 4.51 8.37 -12.53
CA TYR B 22 3.62 8.78 -13.66
C TYR B 22 4.10 8.25 -15.01
N PHE B 23 5.39 7.97 -15.15
CA PHE B 23 5.94 7.45 -16.40
C PHE B 23 6.48 6.04 -16.20
N ASP B 24 5.67 5.03 -16.48
CA ASP B 24 5.88 3.69 -15.89
C ASP B 24 7.23 2.99 -16.06
N ASN B 25 7.63 2.81 -17.29
CA ASN B 25 8.93 2.17 -17.53
C ASN B 25 10.08 3.15 -17.52
N PHE B 26 9.90 4.25 -16.82
CA PHE B 26 11.01 5.22 -16.83
C PHE B 26 11.77 5.03 -15.56
N LYS B 27 13.07 4.83 -15.68
CA LYS B 27 13.94 4.62 -14.54
C LYS B 27 14.88 5.80 -14.37
N VAL B 28 14.83 6.40 -13.20
CA VAL B 28 15.72 7.49 -12.86
C VAL B 28 16.99 6.94 -12.22
N ASP B 29 18.08 7.06 -12.93
CA ASP B 29 19.40 6.64 -12.42
C ASP B 29 20.10 7.80 -11.76
N SER B 30 19.87 9.01 -12.28
CA SER B 30 20.43 10.20 -11.64
C SER B 30 19.46 11.34 -11.82
N ILE B 31 19.51 12.29 -10.91
CA ILE B 31 18.61 13.44 -10.95
C ILE B 31 19.15 14.59 -10.13
N GLU B 32 19.22 15.76 -10.74
CA GLU B 32 19.69 16.98 -10.05
C GLU B 32 18.88 18.19 -10.47
N ILE B 33 18.79 19.14 -9.57
CA ILE B 33 18.15 20.41 -9.88
C ILE B 33 19.10 21.22 -10.77
N ILE B 34 18.60 21.65 -11.92
CA ILE B 34 19.45 22.32 -12.89
C ILE B 34 19.02 23.78 -13.02
N GLY B 35 17.81 24.06 -12.59
CA GLY B 35 17.32 25.43 -12.59
C GLY B 35 15.95 25.57 -12.02
N SER B 36 15.54 26.82 -11.89
CA SER B 36 14.18 27.11 -11.43
C SER B 36 13.63 28.40 -12.05
N SER B 40 8.35 27.22 -10.41
CA SER B 40 8.71 25.99 -11.07
C SER B 40 10.16 25.56 -10.84
N VAL B 41 10.42 24.30 -11.07
CA VAL B 41 11.76 23.75 -10.90
C VAL B 41 12.03 22.78 -12.00
N ALA B 42 13.26 22.85 -12.50
CA ALA B 42 13.68 21.96 -13.57
C ALA B 42 14.80 21.03 -13.08
N TYR B 43 14.72 19.79 -13.52
CA TYR B 43 15.66 18.74 -13.09
C TYR B 43 16.33 18.14 -14.30
N LEU B 44 17.62 17.89 -14.21
CA LEU B 44 18.35 17.10 -15.20
C LEU B 44 18.44 15.64 -14.74
N VAL B 45 17.89 14.75 -15.56
CA VAL B 45 17.66 13.37 -15.20
C VAL B 45 18.47 12.48 -16.14
N ASN B 46 19.27 11.56 -15.56
CA ASN B 46 20.13 10.66 -16.33
C ASN B 46 21.07 11.38 -17.30
N ASN B 47 21.46 12.57 -16.89
CA ASN B 47 22.29 13.48 -17.73
C ASN B 47 21.81 13.70 -19.16
N GLU B 48 20.52 13.51 -19.36
CA GLU B 48 19.96 13.40 -20.70
C GLU B 48 18.61 14.14 -20.88
N TYR B 49 17.78 14.08 -19.85
CA TYR B 49 16.46 14.67 -19.91
C TYR B 49 16.27 15.81 -18.96
N ILE B 50 15.50 16.80 -19.44
CA ILE B 50 15.02 17.89 -18.59
C ILE B 50 13.62 17.49 -18.19
N PHE B 51 13.33 17.58 -16.91
CA PHE B 51 11.95 17.50 -16.43
C PHE B 51 11.63 18.82 -15.73
N LYS B 52 10.69 19.57 -16.32
CA LYS B 52 10.18 20.81 -15.81
C LYS B 52 8.97 20.46 -15.00
N THR B 53 8.84 21.06 -13.81
CA THR B 53 7.73 20.75 -12.98
C THR B 53 7.18 21.96 -12.31
N LYS B 54 5.89 21.91 -12.06
CA LYS B 54 5.20 23.00 -11.35
C LYS B 54 4.05 22.38 -10.59
N PHE B 55 3.72 22.94 -9.43
CA PHE B 55 2.50 22.55 -8.69
C PHE B 55 1.37 23.58 -8.88
N GLY B 62 -0.80 25.66 -15.22
CA GLY B 62 -0.59 24.46 -16.02
C GLY B 62 0.24 24.55 -17.32
N TYR B 63 0.85 23.43 -17.66
CA TYR B 63 1.70 23.31 -18.79
C TYR B 63 0.96 22.84 -20.04
N ALA B 64 -0.35 22.92 -20.06
CA ALA B 64 -1.10 22.40 -21.19
C ALA B 64 -0.83 23.19 -22.47
N LYS B 65 -0.84 24.50 -22.35
CA LYS B 65 -0.57 25.38 -23.46
C LYS B 65 0.86 25.27 -23.95
N GLU B 66 1.79 25.18 -23.01
CA GLU B 66 3.20 25.15 -23.34
C GLU B 66 3.45 23.90 -24.16
N LYS B 67 2.87 22.79 -23.74
CA LYS B 67 2.96 21.54 -24.50
C LYS B 67 2.35 21.63 -25.86
N ALA B 68 1.17 22.24 -25.93
CA ALA B 68 0.53 22.43 -27.26
C ALA B 68 1.43 23.24 -28.15
N ILE B 69 2.10 24.23 -27.60
CA ILE B 69 2.97 25.07 -28.38
C ILE B 69 4.22 24.31 -28.85
N TYR B 70 4.86 23.52 -27.98
CA TYR B 70 6.00 22.73 -28.43
C TYR B 70 5.58 21.81 -29.56
N ASN B 71 4.44 21.15 -29.42
CA ASN B 71 3.98 20.22 -30.43
C ASN B 71 3.71 20.99 -31.75
N PHE B 72 3.04 22.13 -31.67
CA PHE B 72 2.77 22.92 -32.83
C PHE B 72 4.06 23.35 -33.53
N LEU B 73 5.04 23.76 -32.74
CA LEU B 73 6.26 24.28 -33.31
C LEU B 73 7.09 23.16 -33.92
N ASN B 74 7.15 22.02 -33.23
CA ASN B 74 7.97 20.91 -33.71
C ASN B 74 7.40 20.35 -35.01
N THR B 75 6.09 20.45 -35.15
CA THR B 75 5.43 20.12 -36.41
C THR B 75 5.70 21.16 -37.53
N ASN B 76 5.63 22.44 -37.22
CA ASN B 76 5.54 23.47 -38.27
C ASN B 76 6.75 24.33 -38.50
N LEU B 77 7.71 24.40 -37.58
CA LEU B 77 8.93 25.16 -37.82
C LEU B 77 9.85 24.40 -38.72
N GLU B 78 10.49 25.08 -39.65
CA GLU B 78 11.63 24.51 -40.36
C GLU B 78 12.86 25.29 -39.92
N THR B 79 13.68 24.71 -39.06
CA THR B 79 14.79 25.46 -38.52
C THR B 79 15.82 24.48 -37.97
N ASN B 80 17.08 24.88 -37.93
CA ASN B 80 18.11 24.10 -37.28
C ASN B 80 18.20 24.33 -35.81
N VAL B 81 17.55 25.39 -35.37
CA VAL B 81 17.57 25.74 -33.96
C VAL B 81 16.69 24.76 -33.22
N LYS B 82 17.24 24.14 -32.18
CA LYS B 82 16.45 23.18 -31.38
C LYS B 82 15.59 23.85 -30.36
N ILE B 83 14.41 23.28 -30.13
CA ILE B 83 13.52 23.66 -29.06
C ILE B 83 13.02 22.40 -28.35
N PRO B 84 12.44 22.51 -27.14
CA PRO B 84 12.07 21.29 -26.47
C PRO B 84 11.14 20.43 -27.30
N ASN B 85 11.36 19.12 -27.27
CA ASN B 85 10.40 18.23 -27.91
C ASN B 85 9.83 17.25 -26.87
N ILE B 86 8.58 17.46 -26.49
CA ILE B 86 8.03 16.81 -25.33
C ILE B 86 7.84 15.31 -25.52
N GLU B 87 8.50 14.51 -24.70
CA GLU B 87 8.35 13.04 -24.74
C GLU B 87 7.49 12.55 -23.59
N TYR B 88 7.49 13.27 -22.47
CA TYR B 88 6.70 12.88 -21.32
C TYR B 88 5.92 14.06 -20.83
N SER B 89 4.68 13.84 -20.48
CA SER B 89 3.90 14.89 -19.88
C SER B 89 2.90 14.32 -18.92
N TYR B 90 2.66 15.03 -17.83
CA TYR B 90 1.53 14.76 -16.94
C TYR B 90 0.99 16.10 -16.55
N ILE B 91 -0.32 16.28 -16.75
CA ILE B 91 -0.93 17.58 -16.52
C ILE B 91 -2.18 17.49 -15.68
N SER B 92 -2.21 18.26 -14.61
CA SER B 92 -3.34 18.29 -13.70
C SER B 92 -3.33 19.67 -13.06
N ASP B 93 -4.41 20.01 -12.37
CA ASP B 93 -4.47 21.32 -11.70
C ASP B 93 -3.39 21.47 -10.67
N GLU B 94 -3.11 20.35 -9.97
CA GLU B 94 -2.26 20.41 -8.81
C GLU B 94 -0.78 20.21 -9.22
N LEU B 95 -0.53 19.62 -10.38
CA LEU B 95 0.82 19.22 -10.74
C LEU B 95 0.95 19.05 -12.22
N SER B 96 2.02 19.60 -12.78
CA SER B 96 2.34 19.41 -14.16
C SER B 96 3.82 19.15 -14.34
N ILE B 97 4.08 18.21 -15.24
CA ILE B 97 5.44 17.81 -15.53
C ILE B 97 5.57 17.67 -17.03
N LEU B 98 6.64 18.25 -17.57
CA LEU B 98 7.03 18.09 -18.98
C LEU B 98 8.44 17.58 -19.00
N GLY B 99 8.64 16.54 -19.77
CA GLY B 99 9.97 16.00 -20.00
C GLY B 99 10.41 15.98 -21.46
N TYR B 100 11.65 16.39 -21.69
CA TYR B 100 12.19 16.45 -23.02
C TYR B 100 13.69 16.27 -22.91
N LYS B 101 14.32 15.90 -24.00
CA LYS B 101 15.77 15.75 -24.03
C LYS B 101 16.38 17.14 -23.90
N GLU B 102 17.39 17.17 -23.02
CA GLU B 102 18.08 18.40 -22.69
C GLU B 102 18.64 19.02 -23.95
N ILE B 103 18.38 20.31 -24.14
CA ILE B 103 19.04 21.00 -25.23
C ILE B 103 20.42 21.44 -24.74
N LYS B 104 21.44 20.94 -25.42
CA LYS B 104 22.82 21.12 -25.02
C LYS B 104 23.38 22.42 -25.57
N GLY B 105 24.23 23.06 -24.79
CA GLY B 105 24.82 24.31 -25.19
C GLY B 105 25.15 25.16 -23.98
N THR B 106 25.54 26.40 -24.26
CA THR B 106 25.88 27.39 -23.24
C THR B 106 24.98 28.61 -23.38
N PHE B 107 24.38 29.02 -22.29
CA PHE B 107 23.45 30.14 -22.34
C PHE B 107 24.16 31.42 -22.67
N LEU B 108 23.55 32.20 -23.54
CA LEU B 108 24.06 33.50 -23.91
C LEU B 108 24.03 34.43 -22.71
N THR B 109 25.11 35.14 -22.51
CA THR B 109 25.23 36.17 -21.48
C THR B 109 25.97 37.37 -22.06
N PRO B 110 25.83 38.55 -21.44
CA PRO B 110 26.60 39.71 -21.85
C PRO B 110 28.10 39.46 -21.90
N GLU B 111 28.62 38.73 -20.95
CA GLU B 111 30.02 38.43 -20.80
C GLU B 111 30.48 37.66 -22.04
N ILE B 112 29.77 36.59 -22.36
CA ILE B 112 30.11 35.77 -23.49
C ILE B 112 30.00 36.57 -24.79
N TYR B 113 28.96 37.39 -24.93
CA TYR B 113 28.78 38.15 -26.12
C TYR B 113 30.01 39.03 -26.36
N SER B 114 30.51 39.65 -25.31
CA SER B 114 31.61 40.57 -25.42
C SER B 114 32.89 39.85 -25.84
N THR B 115 33.00 38.54 -25.63
CA THR B 115 34.18 37.79 -26.11
C THR B 115 34.04 37.36 -27.57
N MET B 116 32.84 37.41 -28.11
CA MET B 116 32.63 36.97 -29.47
C MET B 116 33.25 37.94 -30.45
N SER B 117 33.77 37.42 -31.56
CA SER B 117 34.23 38.27 -32.65
C SER B 117 33.07 39.00 -33.29
N GLU B 118 33.38 40.09 -33.95
CA GLU B 118 32.34 40.85 -34.66
C GLU B 118 31.49 39.99 -35.61
N GLU B 119 32.15 39.08 -36.33
CA GLU B 119 31.49 38.16 -37.24
C GLU B 119 30.50 37.25 -36.50
N GLU B 120 30.99 36.66 -35.42
CA GLU B 120 30.16 35.84 -34.58
C GLU B 120 28.95 36.57 -34.06
N GLN B 121 29.15 37.79 -33.62
CA GLN B 121 28.03 38.58 -33.14
C GLN B 121 27.02 38.81 -34.26
N ASN B 122 27.50 39.15 -35.45
CA ASN B 122 26.62 39.36 -36.58
C ASN B 122 25.82 38.14 -36.91
N LEU B 123 26.46 36.98 -36.88
CA LEU B 123 25.77 35.71 -37.20
C LEU B 123 24.70 35.42 -36.19
N LEU B 124 25.00 35.68 -34.94
CA LEU B 124 24.04 35.46 -33.87
C LEU B 124 22.83 36.36 -34.07
N LYS B 125 23.06 37.65 -34.32
CA LYS B 125 21.93 38.52 -34.55
C LYS B 125 21.10 38.08 -35.77
N ARG B 126 21.78 37.63 -36.81
CA ARG B 126 21.08 37.15 -37.99
C ARG B 126 20.28 35.90 -37.67
N ASP B 127 20.89 34.98 -36.92
CA ASP B 127 20.19 33.76 -36.52
C ASP B 127 18.96 34.08 -35.71
N ILE B 128 19.05 35.06 -34.81
CA ILE B 128 17.90 35.40 -33.99
C ILE B 128 16.81 36.03 -34.84
N ALA B 129 17.17 36.98 -35.68
CA ALA B 129 16.20 37.62 -36.53
C ALA B 129 15.48 36.62 -37.41
N SER B 130 16.23 35.70 -37.93
CA SER B 130 15.67 34.69 -38.81
C SER B 130 14.71 33.74 -38.07
N PHE B 131 15.09 33.32 -36.87
CA PHE B 131 14.22 32.45 -36.07
C PHE B 131 12.92 33.19 -35.80
N LEU B 132 13.03 34.41 -35.34
CA LEU B 132 11.84 35.20 -35.02
C LEU B 132 10.95 35.45 -36.22
N ARG B 133 11.57 35.69 -37.38
CA ARG B 133 10.83 35.93 -38.60
C ARG B 133 10.02 34.70 -38.96
N GLN B 134 10.65 33.56 -38.86
CA GLN B 134 9.97 32.29 -39.15
C GLN B 134 8.84 32.02 -38.17
N MET B 135 9.10 32.17 -36.88
CA MET B 135 8.06 31.88 -35.91
C MET B 135 6.88 32.81 -36.05
N HIS B 136 7.17 34.09 -36.19
CA HIS B 136 6.14 35.08 -36.31
C HIS B 136 5.33 34.95 -37.61
N GLY B 137 5.91 34.30 -38.61
CA GLY B 137 5.23 34.10 -39.89
C GLY B 137 4.35 32.89 -39.93
N LEU B 138 4.33 32.05 -38.88
CA LEU B 138 3.50 30.88 -38.94
C LEU B 138 2.03 31.17 -38.93
N ASP B 139 1.31 30.41 -39.73
CA ASP B 139 -0.13 30.40 -39.68
C ASP B 139 -0.51 29.69 -38.37
N TYR B 140 -1.20 30.42 -37.49
CA TYR B 140 -1.42 29.96 -36.11
C TYR B 140 -2.84 29.47 -35.87
N THR B 141 -3.55 29.16 -36.95
CA THR B 141 -4.94 28.73 -36.83
C THR B 141 -5.07 27.53 -35.88
N ASP B 142 -4.14 26.60 -36.00
CA ASP B 142 -4.20 25.37 -35.22
C ASP B 142 -3.96 25.55 -33.69
N ILE B 143 -3.46 26.71 -33.28
CA ILE B 143 -3.38 27.05 -31.84
C ILE B 143 -4.10 28.34 -31.52
N SER B 144 -5.21 28.59 -32.21
CA SER B 144 -5.84 29.90 -32.16
C SER B 144 -6.39 30.26 -30.77
N GLU B 145 -6.56 29.24 -29.95
CA GLU B 145 -7.01 29.40 -28.59
C GLU B 145 -5.90 29.97 -27.67
N CYS B 146 -4.65 29.91 -28.09
CA CYS B 146 -3.54 30.39 -27.28
C CYS B 146 -3.25 31.89 -27.43
N THR B 147 -4.31 32.70 -27.45
CA THR B 147 -4.15 34.16 -27.52
C THR B 147 -3.84 34.74 -26.15
N ILE B 148 -3.11 35.83 -26.16
CA ILE B 148 -2.82 36.56 -24.94
C ILE B 148 -3.06 38.03 -25.21
N ASP B 149 -3.81 38.67 -24.31
CA ASP B 149 -4.13 40.08 -24.35
C ASP B 149 -3.51 40.77 -23.13
N ASN B 150 -2.36 41.38 -23.33
CA ASN B 150 -1.61 42.00 -22.24
C ASN B 150 -2.38 43.13 -21.58
N LYS B 151 -3.06 43.93 -22.37
CA LYS B 151 -3.82 45.04 -21.80
C LYS B 151 -4.88 44.56 -20.87
N GLN B 152 -5.63 43.58 -21.31
CA GLN B 152 -6.68 43.01 -20.53
C GLN B 152 -6.13 42.37 -19.27
N ASN B 153 -5.01 41.67 -19.40
CA ASN B 153 -4.36 41.02 -18.27
C ASN B 153 -4.00 42.03 -17.20
N VAL B 154 -3.42 43.14 -17.64
CA VAL B 154 -3.04 44.18 -16.70
C VAL B 154 -4.26 44.80 -16.03
N LEU B 155 -5.34 45.00 -16.78
CA LEU B 155 -6.54 45.53 -16.16
C LEU B 155 -7.06 44.60 -15.11
N GLU B 156 -7.05 43.30 -15.36
CA GLU B 156 -7.46 42.33 -14.37
C GLU B 156 -6.59 42.32 -13.14
N GLU B 157 -5.32 42.49 -13.33
CA GLU B 157 -4.38 42.59 -12.22
C GLU B 157 -4.59 43.84 -11.38
N TYR B 158 -4.95 44.90 -12.09
CA TYR B 158 -5.25 46.18 -11.44
C TYR B 158 -6.50 46.04 -10.60
N ILE B 159 -7.50 45.34 -11.13
CA ILE B 159 -8.71 45.10 -10.36
C ILE B 159 -8.40 44.30 -9.09
N LEU B 160 -7.54 43.31 -9.22
CA LEU B 160 -7.13 42.52 -8.07
C LEU B 160 -6.48 43.42 -7.02
N LEU B 161 -5.62 44.34 -7.43
CA LEU B 161 -5.01 45.30 -6.52
C LEU B 161 -6.07 46.08 -5.78
N ARG B 162 -7.05 46.59 -6.55
CA ARG B 162 -8.10 47.41 -5.96
C ARG B 162 -8.90 46.60 -4.94
N GLU B 163 -9.03 45.31 -5.18
CA GLU B 163 -9.77 44.41 -4.31
C GLU B 163 -9.01 43.97 -3.09
N THR B 164 -7.70 44.18 -3.10
CA THR B 164 -6.87 43.66 -2.02
C THR B 164 -6.16 44.78 -1.32
N ILE B 165 -4.97 45.12 -1.77
CA ILE B 165 -4.12 46.02 -0.96
C ILE B 165 -4.05 47.50 -1.39
N TYR B 166 -4.70 47.86 -2.47
CA TYR B 166 -4.53 49.22 -3.03
C TYR B 166 -4.76 50.28 -2.00
N ASN B 167 -5.82 50.16 -1.22
CA ASN B 167 -6.16 51.19 -0.25
C ASN B 167 -5.13 51.40 0.85
N ASP B 168 -4.33 50.38 1.09
CA ASP B 168 -3.23 50.48 2.04
C ASP B 168 -1.92 51.04 1.50
N LEU B 169 -1.87 51.27 0.19
CA LEU B 169 -0.62 51.74 -0.42
C LEU B 169 -0.42 53.20 -0.14
N THR B 170 0.81 53.67 -0.23
CA THR B 170 1.08 55.09 -0.02
C THR B 170 0.65 55.90 -1.25
N ASP B 171 0.58 57.22 -1.09
CA ASP B 171 0.27 58.09 -2.19
C ASP B 171 1.32 57.94 -3.29
N ILE B 172 2.59 57.82 -2.92
CA ILE B 172 3.64 57.66 -3.91
C ILE B 172 3.43 56.40 -4.75
N GLU B 173 3.06 55.31 -4.09
CA GLU B 173 2.81 54.06 -4.74
C GLU B 173 1.60 54.13 -5.63
N LYS B 174 0.54 54.67 -5.08
CA LYS B 174 -0.70 54.83 -5.85
C LYS B 174 -0.49 55.70 -7.07
N ASP B 175 0.27 56.79 -6.95
CA ASP B 175 0.55 57.63 -8.11
C ASP B 175 1.35 56.90 -9.17
N TYR B 176 2.33 56.09 -8.77
CA TYR B 176 3.09 55.32 -9.75
C TYR B 176 2.14 54.42 -10.54
N ILE B 177 1.25 53.72 -9.83
CA ILE B 177 0.33 52.82 -10.45
C ILE B 177 -0.67 53.51 -11.37
N GLU B 178 -1.26 54.57 -10.88
CA GLU B 178 -2.22 55.34 -11.67
C GLU B 178 -1.59 55.97 -12.90
N SER B 179 -0.38 56.45 -12.72
CA SER B 179 0.34 57.01 -13.84
C SER B 179 0.59 55.97 -14.92
N PHE B 180 0.92 54.77 -14.49
CA PHE B 180 1.10 53.67 -15.40
C PHE B 180 -0.22 53.33 -16.12
N MET B 181 -1.29 53.25 -15.38
CA MET B 181 -2.60 52.87 -15.96
C MET B 181 -3.08 53.89 -16.97
N GLU B 182 -2.79 55.17 -16.70
CA GLU B 182 -3.08 56.21 -17.66
C GLU B 182 -2.27 56.05 -18.97
N ARG B 183 -1.01 55.72 -18.83
CA ARG B 183 -0.19 55.45 -19.99
C ARG B 183 -0.69 54.24 -20.76
N LEU B 184 -1.07 53.19 -20.07
CA LEU B 184 -1.59 52.00 -20.70
C LEU B 184 -2.84 52.27 -21.50
N ASN B 185 -3.67 53.17 -21.03
CA ASN B 185 -4.90 53.55 -21.67
C ASN B 185 -4.68 54.38 -22.89
N ALA B 186 -3.62 55.21 -22.87
CA ALA B 186 -3.35 56.10 -24.00
C ALA B 186 -2.50 55.46 -25.09
N THR B 187 -1.70 54.45 -24.78
CA THR B 187 -0.78 53.92 -25.78
C THR B 187 -1.51 53.30 -26.98
N THR B 188 -0.86 53.30 -28.13
CA THR B 188 -1.35 52.59 -29.30
C THR B 188 -0.50 51.33 -29.62
N VAL B 189 0.45 50.95 -28.76
CA VAL B 189 1.31 49.87 -29.06
C VAL B 189 0.67 48.46 -29.14
N PHE B 190 -0.58 48.32 -28.70
CA PHE B 190 -1.26 47.04 -28.81
C PHE B 190 -2.07 46.90 -30.10
N GLU B 191 -1.95 47.84 -31.02
CA GLU B 191 -2.84 47.88 -32.18
C GLU B 191 -2.16 47.35 -33.45
N GLY B 192 -0.99 46.76 -33.32
CA GLY B 192 -0.26 46.23 -34.44
C GLY B 192 -0.46 44.76 -34.65
N LYS B 193 0.43 44.18 -35.42
CA LYS B 193 0.38 42.76 -35.79
C LYS B 193 0.43 41.87 -34.58
N LYS B 194 -0.44 40.87 -34.59
CA LYS B 194 -0.46 39.79 -33.62
C LYS B 194 0.10 38.55 -34.29
N CYS B 195 0.94 37.83 -33.60
CA CYS B 195 1.46 36.57 -34.11
C CYS B 195 1.94 35.73 -32.97
N LEU B 196 2.33 34.51 -33.29
CA LEU B 196 2.83 33.60 -32.28
C LEU B 196 4.23 34.06 -31.86
N CYS B 197 4.38 34.37 -30.59
CA CYS B 197 5.64 34.87 -30.01
C CYS B 197 6.11 33.99 -28.88
N HIS B 198 7.41 33.91 -28.72
CA HIS B 198 8.00 33.20 -27.62
C HIS B 198 7.55 33.82 -26.30
N ASN B 199 7.64 35.14 -26.27
CA ASN B 199 7.09 35.97 -25.21
C ASN B 199 7.85 35.96 -23.89
N ASP B 200 9.06 35.46 -23.90
CA ASP B 200 9.98 35.60 -22.77
C ASP B 200 11.39 35.46 -23.30
N PHE B 201 11.66 36.26 -24.31
CA PHE B 201 12.80 36.03 -25.20
C PHE B 201 14.05 36.77 -24.75
N SER B 202 14.61 36.26 -23.68
CA SER B 202 15.75 36.89 -23.02
C SER B 202 16.95 36.00 -23.18
N CYS B 203 18.14 36.54 -22.92
CA CYS B 203 19.30 35.74 -23.31
C CYS B 203 19.53 34.50 -22.45
N ASN B 204 18.96 34.44 -21.26
CA ASN B 204 18.97 33.20 -20.48
C ASN B 204 18.15 32.05 -21.03
N HIS B 205 17.46 32.28 -22.14
CA HIS B 205 16.78 31.20 -22.82
C HIS B 205 17.39 30.86 -24.16
N LEU B 206 18.53 31.46 -24.46
CA LEU B 206 19.18 31.23 -25.76
C LEU B 206 20.46 30.44 -25.55
N LEU B 207 20.57 29.32 -26.25
CA LEU B 207 21.73 28.46 -26.13
C LEU B 207 22.66 28.59 -27.34
N LEU B 208 23.95 28.68 -27.06
CA LEU B 208 24.98 28.70 -28.08
C LEU B 208 25.74 27.39 -28.11
N ASP B 209 26.12 26.96 -29.32
CA ASP B 209 26.99 25.79 -29.48
C ASP B 209 28.45 26.20 -29.29
N GLY B 210 29.35 25.28 -29.57
CA GLY B 210 30.79 25.51 -29.39
C GLY B 210 31.39 26.56 -30.33
N ASN B 211 30.68 26.89 -31.39
CA ASN B 211 31.09 27.95 -32.30
C ASN B 211 30.38 29.30 -32.09
N ASN B 212 29.69 29.42 -30.96
CA ASN B 212 28.90 30.60 -30.60
C ASN B 212 27.78 30.91 -31.59
N ARG B 213 27.26 29.87 -32.22
CA ARG B 213 26.06 29.97 -32.99
C ARG B 213 24.85 29.60 -32.13
N LEU B 214 23.72 30.24 -32.44
CA LEU B 214 22.50 29.93 -31.77
C LEU B 214 22.15 28.50 -32.10
N THR B 215 22.01 27.68 -31.10
CA THR B 215 21.76 26.25 -31.31
C THR B 215 20.44 25.80 -30.71
N GLY B 216 19.93 26.55 -29.72
CA GLY B 216 18.65 26.17 -29.13
C GLY B 216 17.98 27.32 -28.42
N ILE B 217 16.67 27.19 -28.25
CA ILE B 217 15.85 28.13 -27.48
C ILE B 217 14.94 27.32 -26.56
N ILE B 218 14.86 27.74 -25.31
CA ILE B 218 14.00 27.07 -24.34
C ILE B 218 12.96 28.00 -23.79
N ASP B 219 12.10 27.42 -22.98
CA ASP B 219 11.08 28.11 -22.19
C ASP B 219 10.11 28.92 -23.03
N PHE B 220 9.26 28.19 -23.74
CA PHE B 220 8.14 28.79 -24.47
C PHE B 220 6.92 28.71 -23.55
N GLY B 221 7.16 28.68 -22.24
CA GLY B 221 6.09 28.62 -21.25
C GLY B 221 5.16 29.79 -21.18
N ASP B 222 5.50 30.94 -21.77
CA ASP B 222 4.63 32.10 -21.80
C ASP B 222 4.22 32.44 -23.21
N SER B 223 4.59 31.57 -24.14
CA SER B 223 4.29 31.79 -25.53
C SER B 223 2.82 31.82 -25.85
N GLY B 224 2.50 32.55 -26.88
CA GLY B 224 1.12 32.67 -27.33
C GLY B 224 1.01 33.63 -28.48
N ILE B 225 -0.22 33.83 -28.92
CA ILE B 225 -0.50 34.73 -30.00
C ILE B 225 -0.70 36.09 -29.35
N ILE B 226 0.15 37.04 -29.73
CA ILE B 226 0.30 38.28 -28.96
C ILE B 226 0.98 39.32 -29.84
N ASP B 227 1.17 40.54 -29.37
CA ASP B 227 1.87 41.55 -30.18
C ASP B 227 3.26 41.13 -30.64
N GLU B 228 3.48 41.30 -31.93
CA GLU B 228 4.81 41.08 -32.54
C GLU B 228 5.92 41.78 -31.79
N TYR B 229 5.67 42.96 -31.22
CA TYR B 229 6.71 43.69 -30.48
C TYR B 229 7.26 42.92 -29.26
N CYS B 230 6.45 42.01 -28.73
CA CYS B 230 6.76 41.28 -27.47
C CYS B 230 8.10 40.58 -27.52
N ASP B 231 8.48 40.02 -28.65
CA ASP B 231 9.69 39.24 -28.71
C ASP B 231 10.94 40.08 -28.77
N PHE B 232 10.84 41.40 -28.74
CA PHE B 232 12.01 42.27 -28.69
C PHE B 232 12.22 43.03 -27.38
N ILE B 233 11.35 42.79 -26.43
CA ILE B 233 11.37 43.48 -25.16
C ILE B 233 12.66 43.26 -24.42
N TYR B 234 13.19 42.03 -24.42
CA TYR B 234 14.42 41.77 -23.64
C TYR B 234 15.65 42.02 -24.51
N LEU B 235 15.54 41.80 -25.82
CA LEU B 235 16.60 42.17 -26.72
C LEU B 235 16.90 43.65 -26.69
N LEU B 236 15.89 44.45 -26.40
CA LEU B 236 16.03 45.91 -26.29
C LEU B 236 16.41 46.40 -24.91
N GLU B 237 16.49 45.50 -23.94
CA GLU B 237 16.68 45.93 -22.54
C GLU B 237 18.11 46.29 -22.23
N ASP B 238 18.26 47.39 -21.52
CA ASP B 238 19.54 47.82 -20.99
C ASP B 238 19.61 47.40 -19.52
N SER B 239 20.30 46.29 -19.23
CA SER B 239 20.45 45.78 -17.85
C SER B 239 21.66 44.88 -17.77
N GLU B 240 22.00 44.48 -16.56
CA GLU B 240 23.14 43.59 -16.35
C GLU B 240 22.89 42.19 -16.90
N GLU B 241 21.63 41.81 -17.01
CA GLU B 241 21.25 40.49 -17.51
C GLU B 241 21.22 40.37 -19.03
N GLU B 242 21.01 41.48 -19.71
CA GLU B 242 20.78 41.45 -21.17
C GLU B 242 21.92 42.15 -21.90
N ILE B 243 21.99 41.96 -23.20
CA ILE B 243 23.14 42.42 -23.94
C ILE B 243 23.16 43.90 -24.13
N GLY B 244 22.03 44.45 -24.50
CA GLY B 244 21.91 45.89 -24.64
C GLY B 244 20.99 46.34 -25.76
N THR B 245 20.56 47.58 -25.64
CA THR B 245 19.63 48.21 -26.57
C THR B 245 20.11 48.12 -28.02
N ASN B 246 21.39 48.32 -28.27
CA ASN B 246 21.92 48.26 -29.64
C ASN B 246 21.83 46.88 -30.28
N PHE B 247 21.93 45.88 -29.46
CA PHE B 247 21.77 44.48 -29.86
C PHE B 247 20.35 44.30 -30.41
N GLY B 248 19.37 44.74 -29.65
CA GLY B 248 17.96 44.67 -30.02
C GLY B 248 17.62 45.53 -31.25
N GLU B 249 18.21 46.74 -31.28
CA GLU B 249 18.04 47.59 -32.46
C GLU B 249 18.59 46.94 -33.72
N ASP B 250 19.80 46.39 -33.64
CA ASP B 250 20.37 45.75 -34.82
C ASP B 250 19.52 44.56 -35.28
N ILE B 251 19.04 43.77 -34.32
CA ILE B 251 18.23 42.64 -34.65
C ILE B 251 16.93 43.11 -35.30
N LEU B 252 16.32 44.17 -34.76
CA LEU B 252 15.11 44.70 -35.33
C LEU B 252 15.35 45.15 -36.78
N ARG B 253 16.50 45.72 -37.06
CA ARG B 253 16.77 46.14 -38.43
C ARG B 253 16.92 44.94 -39.34
N MET B 254 17.61 43.89 -38.88
CA MET B 254 17.73 42.69 -39.69
C MET B 254 16.36 42.03 -39.87
N TYR B 255 15.54 42.07 -38.84
CA TYR B 255 14.24 41.41 -38.90
C TYR B 255 13.36 42.09 -39.95
N GLY B 256 13.36 43.43 -39.92
CA GLY B 256 12.71 44.27 -40.90
C GLY B 256 11.22 44.47 -40.73
N ASN B 257 10.69 45.50 -41.35
CA ASN B 257 9.25 45.72 -41.43
C ASN B 257 8.65 45.79 -40.06
N ILE B 258 9.21 46.63 -39.22
CA ILE B 258 8.72 46.78 -37.89
C ILE B 258 9.09 48.09 -37.34
N ASP B 259 8.14 48.77 -36.72
CA ASP B 259 8.36 50.11 -36.23
C ASP B 259 9.22 50.05 -34.96
N ILE B 260 10.46 50.45 -35.08
CA ILE B 260 11.43 50.31 -34.01
C ILE B 260 11.06 51.19 -32.81
N GLU B 261 10.52 52.37 -33.05
CA GLU B 261 10.14 53.26 -31.98
C GLU B 261 8.98 52.71 -31.18
N LYS B 262 8.05 52.05 -31.83
CA LYS B 262 6.96 51.40 -31.12
C LYS B 262 7.43 50.17 -30.36
N ALA B 263 8.37 49.43 -30.92
CA ALA B 263 8.95 48.33 -30.20
C ALA B 263 9.56 48.85 -28.90
N LYS B 264 10.21 49.99 -28.95
CA LYS B 264 10.82 50.55 -27.77
C LYS B 264 9.80 51.12 -26.80
N GLU B 265 8.73 51.72 -27.31
CA GLU B 265 7.65 52.13 -26.44
C GLU B 265 7.09 50.90 -25.69
N TYR B 266 6.92 49.78 -26.39
CA TYR B 266 6.35 48.60 -25.80
C TYR B 266 7.27 48.12 -24.66
N GLN B 267 8.55 48.06 -24.97
CA GLN B 267 9.51 47.64 -23.96
C GLN B 267 9.47 48.55 -22.74
N ASP B 268 9.36 49.83 -22.99
CA ASP B 268 9.42 50.82 -21.89
C ASP B 268 8.20 50.69 -20.98
N ILE B 269 7.05 50.38 -21.57
CA ILE B 269 5.82 50.18 -20.82
C ILE B 269 5.89 48.88 -19.98
N VAL B 270 6.40 47.81 -20.57
CA VAL B 270 6.58 46.59 -19.85
C VAL B 270 7.54 46.79 -18.67
N GLU B 271 8.57 47.57 -18.89
CA GLU B 271 9.53 47.81 -17.85
C GLU B 271 8.90 48.65 -16.74
N GLU B 272 8.12 49.65 -17.07
CA GLU B 272 7.42 50.43 -16.05
C GLU B 272 6.45 49.56 -15.22
N TYR B 273 5.86 48.56 -15.83
CA TYR B 273 4.95 47.66 -15.16
C TYR B 273 5.60 46.72 -14.14
N TYR B 274 6.88 46.46 -14.30
CA TYR B 274 7.58 45.44 -13.56
C TYR B 274 7.37 45.42 -12.03
N PRO B 275 7.51 46.55 -11.34
CA PRO B 275 7.25 46.57 -9.91
C PRO B 275 5.83 46.19 -9.55
N ILE B 276 4.89 46.55 -10.39
CA ILE B 276 3.51 46.28 -10.13
C ILE B 276 3.25 44.81 -10.34
N GLU B 277 3.85 44.29 -11.39
CA GLU B 277 3.78 42.86 -11.67
C GLU B 277 4.32 42.04 -10.49
N THR B 278 5.38 42.53 -9.89
CA THR B 278 6.01 41.90 -8.77
C THR B 278 5.07 41.91 -7.56
N ILE B 279 4.43 43.04 -7.29
CA ILE B 279 3.47 43.13 -6.22
C ILE B 279 2.34 42.14 -6.43
N VAL B 280 1.83 42.10 -7.66
CA VAL B 280 0.70 41.26 -8.00
C VAL B 280 1.07 39.78 -7.82
N TYR B 281 2.26 39.42 -8.22
CA TYR B 281 2.75 38.08 -8.03
C TYR B 281 2.72 37.73 -6.53
N GLY B 282 3.14 38.67 -5.68
CA GLY B 282 3.12 38.45 -4.25
C GLY B 282 1.75 38.27 -3.66
N ILE B 283 0.80 39.02 -4.17
CA ILE B 283 -0.58 38.90 -3.75
C ILE B 283 -1.12 37.54 -4.14
N LYS B 284 -1.00 37.22 -5.42
CA LYS B 284 -1.59 35.98 -5.93
C LYS B 284 -1.02 34.76 -5.24
N ASN B 285 0.28 34.77 -4.98
CA ASN B 285 0.96 33.62 -4.42
C ASN B 285 1.18 33.70 -2.92
N ILE B 286 0.58 34.69 -2.30
CA ILE B 286 0.71 34.90 -0.86
C ILE B 286 2.17 34.86 -0.46
N LYS B 287 2.95 35.73 -1.09
CA LYS B 287 4.38 35.88 -0.78
C LYS B 287 4.69 37.33 -0.52
N GLN B 288 4.63 37.67 0.77
CA GLN B 288 4.79 39.04 1.22
C GLN B 288 6.07 39.66 0.71
N GLU B 289 7.12 38.86 0.60
CA GLU B 289 8.44 39.36 0.20
C GLU B 289 8.37 40.07 -1.16
N PHE B 290 7.56 39.54 -2.07
CA PHE B 290 7.41 40.14 -3.38
C PHE B 290 6.60 41.43 -3.34
N ILE B 291 5.62 41.47 -2.46
CA ILE B 291 4.85 42.69 -2.28
C ILE B 291 5.78 43.81 -1.80
N GLU B 292 6.56 43.50 -0.78
CA GLU B 292 7.51 44.46 -0.24
C GLU B 292 8.55 44.88 -1.27
N ASN B 293 9.08 43.93 -2.04
CA ASN B 293 10.13 44.26 -3.02
C ASN B 293 9.62 45.13 -4.12
N GLY B 294 8.41 44.87 -4.63
CA GLY B 294 7.87 45.70 -5.65
C GLY B 294 7.58 47.10 -5.15
N ARG B 295 7.08 47.22 -3.94
CA ARG B 295 6.79 48.53 -3.39
C ARG B 295 8.06 49.34 -3.22
N LYS B 296 9.10 48.68 -2.72
CA LYS B 296 10.38 49.35 -2.53
C LYS B 296 10.95 49.75 -3.87
N GLU B 297 10.76 48.93 -4.90
CA GLU B 297 11.27 49.27 -6.24
C GLU B 297 10.55 50.53 -6.78
N ILE B 298 9.29 50.69 -6.43
CA ILE B 298 8.60 51.91 -6.79
C ILE B 298 9.27 53.14 -6.21
N TYR B 299 9.60 53.08 -4.92
CA TYR B 299 10.35 54.17 -4.28
C TYR B 299 11.70 54.39 -4.93
N LYS B 300 12.43 53.33 -5.24
CA LYS B 300 13.74 53.49 -5.85
C LYS B 300 13.62 54.20 -7.19
N ARG B 301 12.64 53.82 -7.98
CA ARG B 301 12.41 54.46 -9.29
C ARG B 301 11.96 55.89 -9.14
N THR B 302 11.13 56.14 -8.14
CA THR B 302 10.58 57.48 -7.93
C THR B 302 11.68 58.46 -7.56
N TYR B 303 12.67 58.02 -6.81
CA TYR B 303 13.74 58.87 -6.31
C TYR B 303 15.00 58.86 -7.17
N LYS B 304 15.03 58.04 -8.19
CA LYS B 304 16.19 58.02 -9.11
C LYS B 304 16.16 59.33 -9.87
N ASN C 8 -11.88 -21.99 -5.63
CA ASN C 8 -11.92 -21.54 -4.18
C ASN C 8 -10.75 -20.70 -3.47
N ALA C 9 -9.96 -20.01 -4.27
CA ALA C 9 -8.64 -19.59 -3.91
C ALA C 9 -8.49 -18.19 -3.44
N THR C 10 -9.55 -17.56 -2.93
CA THR C 10 -9.40 -16.27 -2.25
C THR C 10 -8.63 -16.40 -0.94
N ASN C 11 -8.94 -17.45 -0.19
CA ASN C 11 -8.39 -17.72 1.15
C ASN C 11 -6.92 -17.89 1.04
N VAL C 12 -6.54 -18.72 0.07
CA VAL C 12 -5.15 -19.07 -0.12
C VAL C 12 -4.34 -17.81 -0.46
N LYS C 13 -4.92 -16.95 -1.32
CA LYS C 13 -4.17 -15.77 -1.75
C LYS C 13 -3.92 -14.81 -0.60
N ALA C 14 -4.97 -14.64 0.18
CA ALA C 14 -4.93 -13.77 1.34
C ALA C 14 -3.91 -14.30 2.33
N MET C 15 -3.89 -15.58 2.60
CA MET C 15 -3.01 -16.15 3.57
C MET C 15 -1.58 -16.13 3.07
N LYS C 16 -1.38 -16.37 1.76
CA LYS C 16 -0.06 -16.22 1.18
C LYS C 16 0.48 -14.79 1.46
N TYR C 17 -0.39 -13.83 1.19
CA TYR C 17 -0.01 -12.45 1.42
C TYR C 17 0.33 -12.18 2.89
N LEU C 18 -0.48 -12.67 3.79
CA LEU C 18 -0.31 -12.42 5.22
C LEU C 18 0.96 -13.07 5.73
N ILE C 19 1.24 -14.28 5.29
CA ILE C 19 2.44 -14.99 5.68
C ILE C 19 3.67 -14.23 5.27
N GLU C 20 3.70 -13.82 4.00
CA GLU C 20 4.84 -13.09 3.51
C GLU C 20 4.95 -11.71 4.16
N HIS C 21 3.82 -11.17 4.56
CA HIS C 21 3.81 -9.85 5.18
C HIS C 21 4.34 -9.88 6.61
N TYR C 22 3.89 -10.85 7.39
CA TYR C 22 4.27 -10.89 8.80
C TYR C 22 5.61 -11.57 9.06
N PHE C 23 6.00 -12.48 8.15
CA PHE C 23 7.26 -13.20 8.30
C PHE C 23 8.23 -12.83 7.17
N ASP C 24 9.10 -11.88 7.45
CA ASP C 24 9.82 -11.14 6.41
C ASP C 24 10.59 -11.91 5.36
N ASN C 25 11.51 -12.74 5.78
CA ASN C 25 12.27 -13.49 4.78
C ASN C 25 11.54 -14.74 4.28
N PHE C 26 10.25 -14.80 4.46
CA PHE C 26 9.59 -16.07 4.14
C PHE C 26 8.97 -15.94 2.79
N LYS C 27 9.29 -16.87 1.92
CA LYS C 27 8.75 -16.89 0.57
C LYS C 27 7.84 -18.08 0.36
N VAL C 28 6.62 -17.81 -0.02
CA VAL C 28 5.64 -18.85 -0.31
C VAL C 28 5.72 -19.24 -1.77
N ASP C 29 6.20 -20.43 -2.04
CA ASP C 29 6.23 -20.97 -3.38
C ASP C 29 4.97 -21.78 -3.70
N SER C 30 4.43 -22.44 -2.69
CA SER C 30 3.17 -23.15 -2.87
C SER C 30 2.39 -23.10 -1.57
N ILE C 31 1.08 -23.20 -1.68
CA ILE C 31 0.22 -23.13 -0.52
C ILE C 31 -1.13 -23.76 -0.82
N GLU C 32 -1.56 -24.69 0.03
CA GLU C 32 -2.86 -25.33 -0.12
C GLU C 32 -3.52 -25.54 1.24
N ILE C 33 -4.84 -25.60 1.23
CA ILE C 33 -5.59 -25.92 2.45
C ILE C 33 -5.45 -27.43 2.70
N ILE C 34 -4.99 -27.80 3.87
CA ILE C 34 -4.75 -29.19 4.18
C ILE C 34 -5.75 -29.70 5.22
N GLY C 35 -6.34 -28.77 5.95
CA GLY C 35 -7.32 -29.12 6.95
C GLY C 35 -7.92 -27.96 7.64
N SER C 36 -8.93 -28.25 8.45
CA SER C 36 -9.59 -27.22 9.22
C SER C 36 -10.09 -27.75 10.58
N GLY C 37 -10.41 -26.79 11.44
CA GLY C 37 -11.22 -27.01 12.64
C GLY C 37 -12.47 -26.15 12.52
N TYR C 38 -13.19 -25.95 13.61
CA TYR C 38 -14.47 -25.26 13.52
C TYR C 38 -14.28 -23.74 13.31
N ASP C 39 -13.17 -23.28 13.83
CA ASP C 39 -12.82 -21.84 13.90
C ASP C 39 -11.55 -21.52 13.14
N SER C 40 -10.94 -22.50 12.50
CA SER C 40 -9.61 -22.34 11.98
C SER C 40 -9.37 -23.10 10.69
N VAL C 41 -8.27 -22.74 10.05
CA VAL C 41 -7.88 -23.41 8.82
C VAL C 41 -6.39 -23.60 8.84
N ALA C 42 -5.98 -24.75 8.40
CA ALA C 42 -4.56 -25.06 8.29
C ALA C 42 -4.12 -25.21 6.83
N TYR C 43 -2.96 -24.64 6.54
CA TYR C 43 -2.42 -24.60 5.17
C TYR C 43 -1.07 -25.31 5.15
N LEU C 44 -0.82 -26.09 4.12
CA LEU C 44 0.47 -26.67 3.85
C LEU C 44 1.22 -25.78 2.82
N VAL C 45 2.36 -25.30 3.26
CA VAL C 45 3.11 -24.27 2.56
C VAL C 45 4.47 -24.83 2.15
N ASN C 46 4.80 -24.69 0.83
CA ASN C 46 6.04 -25.25 0.28
C ASN C 46 6.26 -26.74 0.56
N ASN C 47 5.15 -27.46 0.60
CA ASN C 47 5.12 -28.88 0.98
C ASN C 47 5.90 -29.27 2.24
N GLU C 48 6.07 -28.31 3.13
CA GLU C 48 7.01 -28.45 4.21
C GLU C 48 6.47 -27.90 5.57
N TYR C 49 5.76 -26.78 5.51
CA TYR C 49 5.26 -26.14 6.70
C TYR C 49 3.76 -26.16 6.79
N ILE C 50 3.29 -26.30 8.03
CA ILE C 50 1.90 -26.12 8.38
C ILE C 50 1.80 -24.72 8.92
N PHE C 51 0.84 -23.99 8.42
CA PHE C 51 0.44 -22.71 9.01
C PHE C 51 -1.03 -22.88 9.47
N LYS C 52 -1.25 -22.86 10.79
CA LYS C 52 -2.55 -22.90 11.42
C LYS C 52 -2.98 -21.47 11.60
N THR C 53 -4.23 -21.16 11.28
CA THR C 53 -4.66 -19.79 11.27
C THR C 53 -6.05 -19.68 11.73
N LYS C 54 -6.33 -18.55 12.37
CA LYS C 54 -7.67 -18.27 12.87
C LYS C 54 -7.85 -16.75 12.81
N PHE C 55 -9.07 -16.30 12.49
CA PHE C 55 -9.41 -14.88 12.56
C PHE C 55 -10.22 -14.59 13.85
N LYS C 61 -6.44 -14.83 23.62
CA LYS C 61 -5.05 -15.13 23.97
C LYS C 61 -4.62 -16.58 23.58
N GLY C 62 -5.41 -17.21 22.71
CA GLY C 62 -5.42 -18.66 22.58
C GLY C 62 -4.16 -19.24 22.02
N TYR C 63 -3.76 -18.76 20.83
CA TYR C 63 -2.50 -19.25 20.18
C TYR C 63 -1.29 -18.89 21.05
N ALA C 64 -1.38 -17.88 21.90
CA ALA C 64 -0.30 -17.53 22.79
C ALA C 64 0.01 -18.71 23.75
N LYS C 65 -0.98 -19.27 24.38
CA LYS C 65 -0.83 -20.38 25.28
C LYS C 65 -0.35 -21.62 24.58
N GLU C 66 -0.92 -21.86 23.43
CA GLU C 66 -0.62 -23.06 22.67
C GLU C 66 0.84 -23.03 22.30
N LYS C 67 1.32 -21.87 21.87
CA LYS C 67 2.72 -21.67 21.57
C LYS C 67 3.61 -21.86 22.77
N ALA C 68 3.21 -21.30 23.91
CA ALA C 68 3.98 -21.48 25.13
C ALA C 68 4.13 -22.99 25.44
N ILE C 69 3.02 -23.72 25.23
CA ILE C 69 3.05 -25.12 25.53
C ILE C 69 3.95 -25.93 24.57
N TYR C 70 3.88 -25.64 23.27
CA TYR C 70 4.79 -26.28 22.34
C TYR C 70 6.24 -26.03 22.73
N ASN C 71 6.57 -24.79 23.07
CA ASN C 71 7.92 -24.44 23.44
C ASN C 71 8.36 -25.24 24.71
N PHE C 72 7.48 -25.26 25.70
CA PHE C 72 7.77 -25.99 26.92
C PHE C 72 7.99 -27.51 26.63
N LEU C 73 7.17 -28.05 25.76
CA LEU C 73 7.25 -29.46 25.48
C LEU C 73 8.46 -29.82 24.64
N ASN C 74 8.77 -28.98 23.68
CA ASN C 74 9.92 -29.27 22.79
C ASN C 74 11.23 -29.18 23.58
N THR C 75 11.25 -28.31 24.60
CA THR C 75 12.36 -28.22 25.49
C THR C 75 12.46 -29.45 26.44
N ASN C 76 11.35 -29.90 26.98
CA ASN C 76 11.42 -30.86 28.10
C ASN C 76 11.05 -32.30 27.79
N LEU C 77 10.35 -32.60 26.72
CA LEU C 77 10.02 -33.99 26.41
C LEU C 77 11.21 -34.68 25.81
N GLU C 78 11.42 -35.92 26.19
CA GLU C 78 12.33 -36.79 25.46
C GLU C 78 11.48 -37.91 24.86
N THR C 79 11.24 -37.81 23.55
CA THR C 79 10.34 -38.76 22.94
C THR C 79 10.68 -38.82 21.46
N ASN C 80 10.33 -39.93 20.84
CA ASN C 80 10.41 -40.06 19.40
C ASN C 80 9.19 -39.50 18.68
N VAL C 81 8.12 -39.31 19.43
CA VAL C 81 6.87 -38.82 18.86
C VAL C 81 6.98 -37.34 18.57
N LYS C 82 6.65 -36.96 17.36
CA LYS C 82 6.75 -35.53 16.96
C LYS C 82 5.52 -34.74 17.37
N ILE C 83 5.75 -33.50 17.77
CA ILE C 83 4.71 -32.54 18.04
C ILE C 83 5.10 -31.22 17.34
N PRO C 84 4.15 -30.29 17.18
CA PRO C 84 4.53 -29.07 16.47
C PRO C 84 5.68 -28.37 17.13
N ASN C 85 6.60 -27.84 16.34
CA ASN C 85 7.67 -27.01 16.87
C ASN C 85 7.60 -25.62 16.24
N ILE C 86 7.14 -24.63 16.99
CA ILE C 86 6.75 -23.38 16.39
C ILE C 86 7.94 -22.56 15.93
N GLU C 87 7.99 -22.28 14.63
CA GLU C 87 9.04 -21.44 14.05
C GLU C 87 8.52 -20.03 13.74
N TYR C 88 7.24 -19.91 13.44
CA TYR C 88 6.65 -18.63 13.11
C TYR C 88 5.39 -18.39 13.88
N SER C 89 5.21 -17.18 14.36
CA SER C 89 3.97 -16.91 15.07
C SER C 89 3.61 -15.46 14.92
N TYR C 90 2.32 -15.19 14.78
CA TYR C 90 1.79 -13.84 14.83
C TYR C 90 0.45 -13.92 15.56
N ILE C 91 0.29 -13.07 16.55
CA ILE C 91 -0.88 -13.18 17.43
C ILE C 91 -1.56 -11.83 17.59
N SER C 92 -2.86 -11.72 17.30
CA SER C 92 -3.60 -10.47 17.48
C SER C 92 -5.06 -10.81 17.66
N ASP C 93 -5.88 -9.83 18.04
CA ASP C 93 -7.31 -10.08 18.26
C ASP C 93 -7.98 -10.60 16.98
N GLU C 94 -7.55 -10.01 15.87
CA GLU C 94 -8.25 -10.22 14.61
C GLU C 94 -7.65 -11.46 13.88
N LEU C 95 -6.44 -11.85 14.22
CA LEU C 95 -5.72 -12.83 13.44
C LEU C 95 -4.59 -13.47 14.21
N SER C 96 -4.52 -14.78 14.14
CA SER C 96 -3.42 -15.53 14.74
C SER C 96 -2.94 -16.61 13.79
N ILE C 97 -1.64 -16.75 13.75
CA ILE C 97 -1.00 -17.69 12.88
C ILE C 97 0.12 -18.38 13.67
N LEU C 98 0.19 -19.69 13.54
CA LEU C 98 1.32 -20.50 14.04
C LEU C 98 1.82 -21.30 12.88
N GLY C 99 3.13 -21.25 12.70
CA GLY C 99 3.78 -22.07 11.69
C GLY C 99 4.83 -23.03 12.23
N TYR C 100 4.77 -24.28 11.73
CA TYR C 100 5.69 -25.29 12.15
C TYR C 100 5.86 -26.29 11.03
N LYS C 101 6.91 -27.07 11.09
CA LYS C 101 7.14 -28.09 10.06
C LYS C 101 6.09 -29.17 10.20
N GLU C 102 5.54 -29.52 9.05
CA GLU C 102 4.45 -30.46 8.98
C GLU C 102 4.78 -31.77 9.63
N ILE C 103 3.93 -32.22 10.55
CA ILE C 103 4.04 -33.60 11.03
C ILE C 103 3.42 -34.51 10.04
N LYS C 104 4.22 -35.42 9.51
CA LYS C 104 3.82 -36.31 8.43
C LYS C 104 3.15 -37.54 8.97
N GLY C 105 2.12 -38.03 8.29
CA GLY C 105 1.51 -39.27 8.70
C GLY C 105 0.06 -39.33 8.30
N THR C 106 -0.61 -40.37 8.82
CA THR C 106 -2.03 -40.63 8.58
C THR C 106 -2.75 -40.63 9.94
N PHE C 107 -3.86 -39.92 10.00
CA PHE C 107 -4.60 -39.82 11.22
C PHE C 107 -5.27 -41.13 11.57
N LEU C 108 -5.18 -41.46 12.85
CA LEU C 108 -5.82 -42.67 13.37
C LEU C 108 -7.33 -42.53 13.26
N THR C 109 -7.97 -43.59 12.80
CA THR C 109 -9.42 -43.69 12.74
C THR C 109 -9.83 -45.10 13.13
N PRO C 110 -11.11 -45.28 13.53
CA PRO C 110 -11.60 -46.63 13.85
C PRO C 110 -11.40 -47.65 12.74
N GLU C 111 -11.58 -47.21 11.51
CA GLU C 111 -11.45 -48.04 10.33
C GLU C 111 -10.03 -48.57 10.25
N ILE C 112 -9.07 -47.67 10.32
CA ILE C 112 -7.68 -48.04 10.24
C ILE C 112 -7.29 -48.95 11.40
N TYR C 113 -7.76 -48.65 12.61
CA TYR C 113 -7.42 -49.48 13.73
C TYR C 113 -7.84 -50.91 13.50
N SER C 114 -9.05 -51.08 12.97
CA SER C 114 -9.60 -52.40 12.74
C SER C 114 -8.81 -53.21 11.68
N THR C 115 -8.04 -52.55 10.82
CA THR C 115 -7.19 -53.25 9.86
C THR C 115 -5.82 -53.62 10.47
N MET C 116 -5.47 -53.01 11.60
CA MET C 116 -4.16 -53.29 12.18
C MET C 116 -4.14 -54.70 12.76
N SER C 117 -2.99 -55.37 12.70
CA SER C 117 -2.80 -56.63 13.41
C SER C 117 -2.83 -56.41 14.91
N GLU C 118 -3.08 -57.48 15.65
CA GLU C 118 -3.08 -57.40 17.11
C GLU C 118 -1.78 -56.78 17.68
N GLU C 119 -0.65 -57.17 17.12
CA GLU C 119 0.64 -56.65 17.54
C GLU C 119 0.76 -55.14 17.29
N GLU C 120 0.35 -54.70 16.11
CA GLU C 120 0.31 -53.30 15.82
C GLU C 120 -0.56 -52.52 16.78
N GLN C 121 -1.72 -53.06 17.07
CA GLN C 121 -2.61 -52.39 18.00
C GLN C 121 -1.97 -52.29 19.38
N ASN C 122 -1.40 -53.36 19.86
CA ASN C 122 -0.66 -53.34 21.12
C ASN C 122 0.42 -52.33 21.18
N LEU C 123 1.19 -52.22 20.11
CA LEU C 123 2.32 -51.23 20.08
C LEU C 123 1.77 -49.85 20.18
N LEU C 124 0.69 -49.60 19.44
CA LEU C 124 0.08 -48.29 19.43
C LEU C 124 -0.42 -47.93 20.82
N LYS C 125 -1.08 -48.86 21.51
CA LYS C 125 -1.54 -48.57 22.85
C LYS C 125 -0.37 -48.33 23.76
N ARG C 126 0.69 -49.11 23.61
CA ARG C 126 1.90 -48.92 24.42
C ARG C 126 2.54 -47.55 24.15
N ASP C 127 2.59 -47.16 22.86
CA ASP C 127 3.16 -45.87 22.52
C ASP C 127 2.35 -44.74 23.12
N ILE C 128 1.03 -44.88 23.12
CA ILE C 128 0.19 -43.81 23.65
C ILE C 128 0.36 -43.73 25.17
N ALA C 129 0.31 -44.87 25.85
CA ALA C 129 0.48 -44.86 27.26
C ALA C 129 1.81 -44.24 27.66
N SER C 130 2.85 -44.61 26.93
CA SER C 130 4.18 -44.12 27.19
C SER C 130 4.30 -42.59 27.01
N PHE C 131 3.71 -42.09 25.93
CA PHE C 131 3.74 -40.66 25.68
C PHE C 131 3.01 -39.93 26.82
N LEU C 132 1.81 -40.38 27.14
CA LEU C 132 1.05 -39.74 28.18
C LEU C 132 1.76 -39.81 29.54
N ARG C 133 2.42 -40.94 29.83
CA ARG C 133 3.14 -41.12 31.10
C ARG C 133 4.26 -40.07 31.18
N GLN C 134 4.98 -39.91 30.07
CA GLN C 134 6.06 -38.93 30.03
C GLN C 134 5.54 -37.52 30.16
N MET C 135 4.51 -37.17 29.42
CA MET C 135 4.01 -35.80 29.48
C MET C 135 3.46 -35.48 30.87
N HIS C 136 2.69 -36.39 31.40
CA HIS C 136 2.11 -36.18 32.71
C HIS C 136 3.12 -36.17 33.84
N GLY C 137 4.29 -36.72 33.61
CA GLY C 137 5.35 -36.74 34.61
C GLY C 137 6.24 -35.52 34.57
N LEU C 138 6.05 -34.61 33.62
CA LEU C 138 6.87 -33.44 33.61
C LEU C 138 6.66 -32.52 34.76
N ASP C 139 7.77 -32.02 35.28
CA ASP C 139 7.76 -30.94 36.25
C ASP C 139 7.30 -29.70 35.50
N TYR C 140 6.18 -29.14 35.93
CA TYR C 140 5.49 -28.09 35.14
C TYR C 140 5.66 -26.69 35.75
N THR C 141 6.66 -26.55 36.63
CA THR C 141 6.89 -25.30 37.31
C THR C 141 7.03 -24.15 36.33
N ASP C 142 7.75 -24.39 35.26
CA ASP C 142 8.00 -23.36 34.26
C ASP C 142 6.76 -22.87 33.45
N ILE C 143 5.66 -23.64 33.50
CA ILE C 143 4.39 -23.16 32.89
C ILE C 143 3.27 -23.20 33.92
N SER C 144 3.61 -22.86 35.16
CA SER C 144 2.68 -23.03 36.26
C SER C 144 1.42 -22.14 36.14
N GLU C 145 1.53 -21.11 35.32
CA GLU C 145 0.41 -20.21 35.04
C GLU C 145 -0.64 -20.83 34.11
N CYS C 146 -0.30 -21.93 33.42
CA CYS C 146 -1.20 -22.56 32.48
C CYS C 146 -2.12 -23.60 33.13
N THR C 147 -2.67 -23.27 34.30
CA THR C 147 -3.63 -24.13 34.97
C THR C 147 -5.01 -23.99 34.37
N ILE C 148 -5.77 -25.09 34.43
CA ILE C 148 -7.15 -25.09 34.04
C ILE C 148 -7.91 -25.78 35.15
N ASP C 149 -8.94 -25.13 35.66
CA ASP C 149 -9.81 -25.70 36.69
C ASP C 149 -11.20 -25.89 36.07
N ASN C 150 -11.49 -27.11 35.66
CA ASN C 150 -12.76 -27.43 35.01
C ASN C 150 -13.98 -27.19 35.91
N LYS C 151 -13.87 -27.55 37.18
CA LYS C 151 -14.98 -27.37 38.08
C LYS C 151 -15.34 -25.91 38.20
N GLN C 152 -14.34 -25.11 38.44
CA GLN C 152 -14.53 -23.69 38.60
C GLN C 152 -15.08 -23.06 37.31
N ASN C 153 -14.58 -23.49 36.16
CA ASN C 153 -15.06 -23.03 34.90
C ASN C 153 -16.56 -23.30 34.77
N VAL C 154 -16.96 -24.51 35.13
CA VAL C 154 -18.35 -24.89 35.03
C VAL C 154 -19.24 -24.08 35.96
N LEU C 155 -18.79 -23.85 37.18
CA LEU C 155 -19.55 -23.04 38.10
C LEU C 155 -19.77 -21.61 37.54
N GLU C 156 -18.73 -21.05 36.95
CA GLU C 156 -18.87 -19.75 36.34
C GLU C 156 -19.83 -19.71 35.14
N GLU C 157 -19.76 -20.77 34.36
CA GLU C 157 -20.65 -20.91 33.23
C GLU C 157 -22.11 -21.08 33.67
N TYR C 158 -22.29 -21.78 34.78
CA TYR C 158 -23.63 -21.95 35.36
C TYR C 158 -24.19 -20.61 35.84
N ILE C 159 -23.33 -19.80 36.44
CA ILE C 159 -23.76 -18.47 36.84
C ILE C 159 -24.17 -17.62 35.61
N LEU C 160 -23.40 -17.72 34.54
CA LEU C 160 -23.74 -17.03 33.30
C LEU C 160 -25.11 -17.45 32.77
N LEU C 161 -25.41 -18.76 32.81
CA LEU C 161 -26.70 -19.27 32.39
C LEU C 161 -27.80 -18.64 33.21
N ARG C 162 -27.63 -18.64 34.54
CA ARG C 162 -28.63 -18.10 35.42
C ARG C 162 -28.85 -16.63 35.15
N GLU C 163 -27.81 -15.92 34.75
CA GLU C 163 -27.89 -14.49 34.46
C GLU C 163 -28.51 -14.21 33.07
N THR C 164 -28.58 -15.20 32.20
CA THR C 164 -28.99 -14.95 30.84
C THR C 164 -30.26 -15.71 30.53
N ILE C 165 -30.14 -16.92 30.02
CA ILE C 165 -31.30 -17.59 29.44
C ILE C 165 -31.95 -18.66 30.29
N TYR C 166 -31.43 -18.95 31.49
CA TYR C 166 -31.96 -20.04 32.29
C TYR C 166 -33.46 -19.93 32.48
N ASN C 167 -33.95 -18.76 32.80
CA ASN C 167 -35.38 -18.59 33.07
C ASN C 167 -36.31 -18.88 31.88
N ASP C 168 -35.79 -18.78 30.66
CA ASP C 168 -36.51 -19.12 29.46
C ASP C 168 -36.47 -20.59 29.06
N LEU C 169 -35.69 -21.38 29.76
CA LEU C 169 -35.54 -22.79 29.38
C LEU C 169 -36.77 -23.57 29.79
N THR C 170 -36.97 -24.72 29.18
CA THR C 170 -38.04 -25.61 29.62
C THR C 170 -37.70 -26.31 30.94
N ASP C 171 -38.73 -26.90 31.55
CA ASP C 171 -38.55 -27.62 32.79
C ASP C 171 -37.60 -28.78 32.57
N ILE C 172 -37.74 -29.46 31.44
CA ILE C 172 -36.86 -30.62 31.13
C ILE C 172 -35.40 -30.17 31.06
N GLU C 173 -35.17 -29.02 30.44
CA GLU C 173 -33.85 -28.49 30.28
C GLU C 173 -33.28 -28.07 31.64
N LYS C 174 -34.08 -27.36 32.39
CA LYS C 174 -33.66 -26.91 33.70
C LYS C 174 -33.35 -28.09 34.62
N ASP C 175 -34.15 -29.15 34.58
CA ASP C 175 -33.85 -30.32 35.36
C ASP C 175 -32.54 -31.00 34.95
N TYR C 176 -32.25 -31.06 33.65
CA TYR C 176 -31.02 -31.65 33.20
C TYR C 176 -29.84 -30.88 33.78
N ILE C 177 -29.91 -29.54 33.74
CA ILE C 177 -28.84 -28.72 34.23
C ILE C 177 -28.62 -28.83 35.72
N GLU C 178 -29.70 -28.73 36.47
CA GLU C 178 -29.65 -28.85 37.92
C GLU C 178 -29.15 -30.23 38.37
N SER C 179 -29.60 -31.27 37.69
CA SER C 179 -29.15 -32.57 38.01
C SER C 179 -27.63 -32.71 37.78
N PHE C 180 -27.17 -32.11 36.70
CA PHE C 180 -25.75 -32.12 36.39
C PHE C 180 -24.96 -31.35 37.46
N MET C 181 -25.47 -30.18 37.86
CA MET C 181 -24.77 -29.36 38.86
C MET C 181 -24.71 -30.05 40.21
N GLU C 182 -25.77 -30.77 40.55
CA GLU C 182 -25.75 -31.58 41.76
C GLU C 182 -24.60 -32.59 41.66
N ARG C 183 -24.51 -33.30 40.55
CA ARG C 183 -23.48 -34.29 40.39
C ARG C 183 -22.08 -33.66 40.48
N LEU C 184 -21.92 -32.54 39.83
CA LEU C 184 -20.65 -31.84 39.82
C LEU C 184 -20.20 -31.43 41.20
N ASN C 185 -21.14 -30.97 41.99
CA ASN C 185 -20.87 -30.53 43.32
C ASN C 185 -20.59 -31.71 44.29
N ALA C 186 -21.09 -32.91 43.97
CA ALA C 186 -20.82 -34.08 44.80
C ALA C 186 -19.55 -34.89 44.43
N THR C 187 -19.14 -34.82 43.18
CA THR C 187 -18.10 -35.75 42.69
C THR C 187 -16.75 -35.49 43.36
N THR C 188 -15.96 -36.54 43.47
CA THR C 188 -14.58 -36.40 43.92
C THR C 188 -13.55 -36.55 42.82
N VAL C 189 -13.99 -36.67 41.57
CA VAL C 189 -13.07 -36.86 40.50
C VAL C 189 -12.11 -35.69 40.17
N PHE C 190 -12.34 -34.53 40.74
CA PHE C 190 -11.39 -33.39 40.57
C PHE C 190 -10.32 -33.31 41.67
N GLU C 191 -10.26 -34.27 42.57
CA GLU C 191 -9.40 -34.17 43.73
C GLU C 191 -8.12 -34.98 43.60
N GLY C 192 -7.87 -35.52 42.43
CA GLY C 192 -6.70 -36.33 42.19
C GLY C 192 -5.57 -35.52 41.58
N LYS C 193 -4.66 -36.26 40.98
CA LYS C 193 -3.43 -35.69 40.44
C LYS C 193 -3.72 -34.68 39.33
N LYS C 194 -3.04 -33.55 39.43
CA LYS C 194 -3.03 -32.53 38.42
C LYS C 194 -1.69 -32.68 37.67
N CYS C 195 -1.73 -32.55 36.36
CA CYS C 195 -0.53 -32.52 35.58
C CYS C 195 -0.75 -31.89 34.23
N LEU C 196 0.30 -31.70 33.49
CA LEU C 196 0.18 -31.14 32.16
C LEU C 196 -0.43 -32.17 31.22
N CYS C 197 -1.61 -31.84 30.68
CA CYS C 197 -2.36 -32.74 29.78
C CYS C 197 -2.55 -32.11 28.42
N HIS C 198 -2.63 -32.93 27.40
CA HIS C 198 -2.96 -32.49 26.06
C HIS C 198 -4.34 -31.83 26.04
N ASN C 199 -5.27 -32.55 26.66
CA ASN C 199 -6.62 -32.06 26.95
C ASN C 199 -7.55 -31.97 25.75
N ASP C 200 -7.20 -32.59 24.64
CA ASP C 200 -8.13 -32.79 23.54
C ASP C 200 -7.65 -34.03 22.77
N PHE C 201 -7.47 -35.12 23.52
CA PHE C 201 -6.63 -36.23 23.08
C PHE C 201 -7.44 -37.31 22.38
N SER C 202 -7.88 -36.99 21.18
CA SER C 202 -8.81 -37.82 20.42
C SER C 202 -8.09 -38.36 19.23
N CYS C 203 -8.66 -39.33 18.52
CA CYS C 203 -7.83 -40.00 17.53
C CYS C 203 -7.58 -39.17 16.26
N ASN C 204 -8.39 -38.18 16.02
CA ASN C 204 -8.10 -37.22 14.93
C ASN C 204 -6.89 -36.29 15.19
N HIS C 205 -6.25 -36.40 16.36
CA HIS C 205 -5.01 -35.71 16.60
C HIS C 205 -3.83 -36.62 16.68
N LEU C 206 -4.02 -37.90 16.36
CA LEU C 206 -2.91 -38.87 16.46
C LEU C 206 -2.50 -39.34 15.09
N LEU C 207 -1.22 -39.21 14.79
CA LEU C 207 -0.71 -39.55 13.46
C LEU C 207 0.07 -40.84 13.51
N LEU C 208 -0.21 -41.70 12.52
CA LEU C 208 0.54 -42.94 12.33
C LEU C 208 1.50 -42.84 11.15
N ASP C 209 2.67 -43.46 11.28
CA ASP C 209 3.60 -43.59 10.15
C ASP C 209 3.19 -44.77 9.26
N GLY C 210 4.04 -45.08 8.30
CA GLY C 210 3.75 -46.16 7.33
C GLY C 210 3.72 -47.56 7.92
N ASN C 211 4.23 -47.72 9.13
CA ASN C 211 4.16 -48.97 9.87
C ASN C 211 3.07 -49.03 10.96
N ASN C 212 2.16 -48.07 10.90
CA ASN C 212 1.10 -47.92 11.90
C ASN C 212 1.55 -47.71 13.32
N ARG C 213 2.71 -47.08 13.43
CA ARG C 213 3.23 -46.66 14.70
C ARG C 213 2.86 -45.20 14.93
N LEU C 214 2.64 -44.86 16.19
CA LEU C 214 2.36 -43.49 16.53
C LEU C 214 3.58 -42.69 16.20
N THR C 215 3.44 -41.70 15.34
CA THR C 215 4.57 -40.90 14.91
C THR C 215 4.44 -39.44 15.29
N GLY C 216 3.21 -38.96 15.51
CA GLY C 216 3.04 -37.58 15.92
C GLY C 216 1.72 -37.29 16.58
N ILE C 217 1.67 -36.18 17.29
CA ILE C 217 0.46 -35.70 17.97
C ILE C 217 0.35 -34.20 17.75
N ILE C 218 -0.85 -33.76 17.37
CA ILE C 218 -1.07 -32.35 17.05
C ILE C 218 -2.12 -31.78 17.96
N ASP C 219 -2.27 -30.48 17.84
CA ASP C 219 -3.35 -29.71 18.49
C ASP C 219 -3.33 -29.78 19.98
N PHE C 220 -2.32 -29.14 20.56
CA PHE C 220 -2.23 -28.96 22.01
C PHE C 220 -2.82 -27.59 22.31
N GLY C 221 -3.76 -27.15 21.47
CA GLY C 221 -4.45 -25.88 21.70
C GLY C 221 -5.27 -25.70 22.97
N ASP C 222 -5.62 -26.80 23.63
CA ASP C 222 -6.38 -26.73 24.89
C ASP C 222 -5.58 -27.25 26.07
N SER C 223 -4.33 -27.53 25.80
CA SER C 223 -3.47 -28.09 26.78
C SER C 223 -3.24 -27.19 28.01
N GLY C 224 -2.99 -27.82 29.15
CA GLY C 224 -2.79 -27.08 30.40
C GLY C 224 -2.59 -28.05 31.55
N ILE C 225 -2.40 -27.46 32.72
CA ILE C 225 -2.23 -28.23 33.93
C ILE C 225 -3.62 -28.47 34.47
N ILE C 226 -4.02 -29.73 34.55
CA ILE C 226 -5.42 -30.08 34.75
C ILE C 226 -5.48 -31.52 35.28
N ASP C 227 -6.65 -32.06 35.57
CA ASP C 227 -6.72 -33.44 36.04
C ASP C 227 -6.12 -34.46 35.10
N GLU C 228 -5.29 -35.33 35.66
CA GLU C 228 -4.70 -36.47 34.94
C GLU C 228 -5.76 -37.28 34.17
N TYR C 229 -6.95 -37.41 34.72
CA TYR C 229 -8.03 -38.15 34.02
C TYR C 229 -8.41 -37.59 32.64
N CYS C 230 -8.15 -36.30 32.43
CA CYS C 230 -8.57 -35.57 31.20
C CYS C 230 -8.08 -36.20 29.97
N ASP C 231 -6.86 -36.72 29.94
CA ASP C 231 -6.32 -37.24 28.72
C ASP C 231 -6.83 -38.61 28.31
N PHE C 232 -7.75 -39.17 29.09
CA PHE C 232 -8.39 -40.43 28.73
C PHE C 232 -9.86 -40.36 28.33
N ILE C 233 -10.39 -39.16 28.37
CA ILE C 233 -11.80 -38.93 28.12
C ILE C 233 -12.19 -39.36 26.70
N TYR C 234 -11.37 -39.10 25.67
CA TYR C 234 -11.74 -39.51 24.33
C TYR C 234 -11.30 -40.96 24.04
N LEU C 235 -10.19 -41.38 24.61
CA LEU C 235 -9.78 -42.78 24.50
C LEU C 235 -10.83 -43.69 25.06
N LEU C 236 -11.57 -43.23 26.06
CA LEU C 236 -12.64 -44.03 26.68
C LEU C 236 -14.00 -43.88 26.04
N GLU C 237 -14.10 -43.04 25.02
CA GLU C 237 -15.41 -42.71 24.43
C GLU C 237 -15.89 -43.80 23.46
N ASP C 238 -17.15 -44.11 23.59
CA ASP C 238 -17.82 -45.01 22.68
C ASP C 238 -18.58 -44.14 21.68
N SER C 239 -18.01 -43.96 20.50
CA SER C 239 -18.67 -43.20 19.42
C SER C 239 -18.12 -43.65 18.09
N GLU C 240 -18.73 -43.18 17.02
CA GLU C 240 -18.28 -43.50 15.67
C GLU C 240 -16.93 -42.88 15.36
N GLU C 241 -16.60 -41.78 16.04
CA GLU C 241 -15.32 -41.07 15.82
C GLU C 241 -14.12 -41.67 16.53
N GLU C 242 -14.38 -42.37 17.64
CA GLU C 242 -13.30 -42.87 18.52
C GLU C 242 -13.25 -44.38 18.41
N ILE C 243 -12.17 -44.96 18.90
CA ILE C 243 -11.96 -46.38 18.71
C ILE C 243 -12.84 -47.20 19.61
N GLY C 244 -12.96 -46.81 20.87
CA GLY C 244 -13.83 -47.52 21.78
C GLY C 244 -13.31 -47.59 23.21
N THR C 245 -14.25 -47.80 24.11
CA THR C 245 -14.00 -47.92 25.53
C THR C 245 -12.88 -48.92 25.86
N ASN C 246 -12.84 -50.07 25.21
CA ASN C 246 -11.80 -51.07 25.48
C ASN C 246 -10.40 -50.62 25.14
N PHE C 247 -10.31 -49.80 24.14
CA PHE C 247 -9.05 -49.18 23.72
C PHE C 247 -8.52 -48.31 24.87
N GLY C 248 -9.39 -47.45 25.38
CA GLY C 248 -9.04 -46.59 26.51
C GLY C 248 -8.74 -47.38 27.77
N GLU C 249 -9.54 -48.40 28.05
CA GLU C 249 -9.28 -49.25 29.19
C GLU C 249 -7.90 -49.93 29.10
N ASP C 250 -7.59 -50.52 27.94
CA ASP C 250 -6.30 -51.17 27.79
C ASP C 250 -5.16 -50.18 27.99
N ILE C 251 -5.30 -48.99 27.42
CA ILE C 251 -4.29 -47.98 27.56
C ILE C 251 -4.15 -47.56 29.00
N LEU C 252 -5.25 -47.41 29.72
CA LEU C 252 -5.21 -47.07 31.12
C LEU C 252 -4.47 -48.15 31.90
N ARG C 253 -4.67 -49.42 31.57
CA ARG C 253 -3.96 -50.48 32.27
C ARG C 253 -2.45 -50.44 32.00
N MET C 254 -2.08 -50.16 30.75
CA MET C 254 -0.67 -50.02 30.42
C MET C 254 -0.07 -48.79 31.08
N TYR C 255 -0.85 -47.73 31.20
CA TYR C 255 -0.36 -46.48 31.75
C TYR C 255 -0.06 -46.67 33.22
N GLY C 256 -0.99 -47.34 33.90
CA GLY C 256 -0.84 -47.74 35.31
C GLY C 256 -1.12 -46.64 36.32
N ASN C 257 -1.31 -47.10 37.53
CA ASN C 257 -1.40 -46.22 38.70
C ASN C 257 -2.51 -45.22 38.63
N ILE C 258 -3.62 -45.66 38.11
CA ILE C 258 -4.72 -44.73 37.87
C ILE C 258 -5.99 -45.48 38.05
N ASP C 259 -6.90 -44.88 38.80
CA ASP C 259 -8.18 -45.54 39.09
C ASP C 259 -9.08 -45.47 37.84
N ILE C 260 -9.26 -46.61 37.20
CA ILE C 260 -9.96 -46.69 35.93
C ILE C 260 -11.44 -46.32 36.04
N GLU C 261 -12.05 -46.68 37.14
CA GLU C 261 -13.44 -46.36 37.35
C GLU C 261 -13.63 -44.88 37.52
N LYS C 262 -12.70 -44.20 38.18
CA LYS C 262 -12.78 -42.74 38.30
C LYS C 262 -12.50 -42.07 36.98
N ALA C 263 -11.58 -42.63 36.19
CA ALA C 263 -11.37 -42.07 34.85
C ALA C 263 -12.68 -42.14 34.07
N LYS C 264 -13.43 -43.22 34.20
CA LYS C 264 -14.67 -43.34 33.50
C LYS C 264 -15.75 -42.45 34.09
N GLU C 265 -15.78 -42.28 35.40
CA GLU C 265 -16.67 -41.30 35.99
C GLU C 265 -16.38 -39.91 35.43
N TYR C 266 -15.11 -39.57 35.30
CA TYR C 266 -14.71 -38.25 34.80
C TYR C 266 -15.20 -38.10 33.37
N GLN C 267 -14.94 -39.08 32.53
CA GLN C 267 -15.44 -39.05 31.15
C GLN C 267 -16.94 -38.86 31.13
N ASP C 268 -17.63 -39.58 31.98
CA ASP C 268 -19.12 -39.57 31.96
C ASP C 268 -19.70 -38.22 32.34
N ILE C 269 -19.02 -37.57 33.28
CA ILE C 269 -19.42 -36.23 33.76
C ILE C 269 -19.15 -35.19 32.68
N VAL C 270 -18.00 -35.28 32.02
CA VAL C 270 -17.70 -34.39 30.92
C VAL C 270 -18.68 -34.59 29.81
N GLU C 271 -19.08 -35.83 29.53
CA GLU C 271 -20.02 -36.13 28.46
C GLU C 271 -21.38 -35.57 28.81
N GLU C 272 -21.81 -35.71 30.05
CA GLU C 272 -23.10 -35.13 30.47
C GLU C 272 -23.09 -33.61 30.37
N TYR C 273 -21.95 -32.98 30.60
CA TYR C 273 -21.83 -31.52 30.47
C TYR C 273 -21.94 -30.98 29.05
N TYR C 274 -21.61 -31.81 28.09
CA TYR C 274 -21.43 -31.37 26.70
C TYR C 274 -22.54 -30.49 26.13
N PRO C 275 -23.81 -30.88 26.27
CA PRO C 275 -24.90 -30.03 25.79
C PRO C 275 -24.94 -28.68 26.43
N ILE C 276 -24.60 -28.63 27.70
CA ILE C 276 -24.62 -27.39 28.44
C ILE C 276 -23.47 -26.50 27.98
N GLU C 277 -22.32 -27.13 27.78
CA GLU C 277 -21.15 -26.46 27.24
C GLU C 277 -21.47 -25.84 25.90
N THR C 278 -22.23 -26.55 25.09
CA THR C 278 -22.62 -26.11 23.79
C THR C 278 -23.51 -24.90 23.89
N ILE C 279 -24.48 -24.96 24.80
CA ILE C 279 -25.37 -23.82 25.02
C ILE C 279 -24.57 -22.58 25.45
N VAL C 280 -23.65 -22.80 26.37
CA VAL C 280 -22.86 -21.72 26.91
C VAL C 280 -21.99 -21.08 25.83
N TYR C 281 -21.41 -21.91 24.98
CA TYR C 281 -20.66 -21.42 23.84
C TYR C 281 -21.54 -20.51 22.99
N GLY C 282 -22.79 -20.92 22.76
CA GLY C 282 -23.70 -20.09 21.99
C GLY C 282 -24.03 -18.76 22.60
N ILE C 283 -24.19 -18.76 23.91
CA ILE C 283 -24.42 -17.53 24.63
C ILE C 283 -23.24 -16.59 24.53
N LYS C 284 -22.09 -17.11 24.88
CA LYS C 284 -20.88 -16.28 24.91
C LYS C 284 -20.51 -15.69 23.53
N ASN C 285 -20.75 -16.47 22.50
CA ASN C 285 -20.38 -16.07 21.14
C ASN C 285 -21.56 -15.56 20.33
N ILE C 286 -22.70 -15.40 20.98
CA ILE C 286 -23.91 -14.89 20.32
C ILE C 286 -24.16 -15.70 19.06
N LYS C 287 -24.26 -17.02 19.23
CA LYS C 287 -24.56 -17.94 18.13
C LYS C 287 -25.70 -18.82 18.54
N GLN C 288 -26.88 -18.39 18.11
CA GLN C 288 -28.13 -19.06 18.45
C GLN C 288 -28.12 -20.53 18.07
N GLU C 289 -27.47 -20.87 16.97
CA GLU C 289 -27.47 -22.23 16.48
C GLU C 289 -26.94 -23.22 17.54
N PHE C 290 -25.95 -22.78 18.31
CA PHE C 290 -25.36 -23.61 19.34
C PHE C 290 -26.28 -23.74 20.54
N ILE C 291 -27.00 -22.67 20.86
CA ILE C 291 -27.97 -22.71 21.93
C ILE C 291 -29.03 -23.76 21.58
N GLU C 292 -29.55 -23.69 20.37
CA GLU C 292 -30.56 -24.62 19.92
C GLU C 292 -30.03 -26.04 19.90
N ASN C 293 -28.83 -26.26 19.39
CA ASN C 293 -28.29 -27.61 19.28
C ASN C 293 -28.07 -28.26 20.64
N GLY C 294 -27.59 -27.49 21.60
CA GLY C 294 -27.42 -28.03 22.92
C GLY C 294 -28.74 -28.36 23.59
N ARG C 295 -29.75 -27.52 23.42
CA ARG C 295 -31.03 -27.78 24.00
C ARG C 295 -31.67 -29.01 23.43
N LYS C 296 -31.57 -29.17 22.12
CA LYS C 296 -32.12 -30.36 21.47
C LYS C 296 -31.41 -31.63 21.98
N GLU C 297 -30.09 -31.50 22.20
CA GLU C 297 -29.34 -32.67 22.63
C GLU C 297 -29.76 -33.08 24.08
N ILE C 298 -30.16 -32.11 24.87
CA ILE C 298 -30.71 -32.41 26.19
C ILE C 298 -31.93 -33.32 26.08
N TYR C 299 -32.84 -32.97 25.18
CA TYR C 299 -34.02 -33.83 24.94
C TYR C 299 -33.65 -35.20 24.46
N LYS C 300 -32.69 -35.27 23.52
CA LYS C 300 -32.31 -36.60 23.01
C LYS C 300 -31.78 -37.47 24.13
N ARG C 301 -30.96 -36.89 24.99
CA ARG C 301 -30.40 -37.64 26.09
C ARG C 301 -31.44 -38.00 27.15
N THR C 302 -32.37 -37.10 27.42
CA THR C 302 -33.39 -37.33 28.39
C THR C 302 -34.26 -38.53 27.99
N TYR C 303 -34.51 -38.71 26.72
CA TYR C 303 -35.41 -39.76 26.24
C TYR C 303 -34.71 -41.02 25.75
N LYS C 304 -33.41 -41.05 25.79
CA LYS C 304 -32.65 -42.24 25.40
C LYS C 304 -32.95 -43.54 26.13
N ASP C 305 -33.34 -43.48 27.40
CA ASP C 305 -33.80 -44.66 28.18
C ASP C 305 -32.66 -44.93 29.15
N ARG D 4 -18.38 -29.64 9.53
CA ARG D 4 -18.54 -29.16 8.12
C ARG D 4 -17.72 -27.88 7.92
N TYR D 5 -16.81 -27.95 6.94
CA TYR D 5 -16.04 -26.77 6.48
C TYR D 5 -16.78 -25.86 5.46
N ASP D 6 -16.87 -24.55 5.76
CA ASP D 6 -17.43 -23.57 4.87
C ASP D 6 -16.30 -22.76 4.21
N ASP D 7 -15.98 -23.12 2.96
CA ASP D 7 -15.10 -22.30 2.05
C ASP D 7 -15.66 -20.85 1.92
N ASN D 8 -16.99 -20.73 1.84
CA ASN D 8 -17.70 -19.44 1.93
C ASN D 8 -17.31 -18.54 3.12
N ALA D 9 -17.56 -18.98 4.35
CA ALA D 9 -17.26 -18.20 5.56
C ALA D 9 -15.77 -17.82 5.65
N THR D 10 -14.88 -18.70 5.20
CA THR D 10 -13.44 -18.43 5.34
C THR D 10 -12.97 -17.28 4.44
N ASN D 11 -13.46 -17.28 3.19
CA ASN D 11 -13.09 -16.26 2.17
C ASN D 11 -13.45 -14.91 2.66
N VAL D 12 -14.66 -14.83 3.18
CA VAL D 12 -15.24 -13.61 3.69
C VAL D 12 -14.39 -13.04 4.82
N LYS D 13 -13.94 -13.93 5.71
CA LYS D 13 -13.16 -13.48 6.88
C LYS D 13 -11.82 -12.93 6.44
N ALA D 14 -11.20 -13.63 5.52
CA ALA D 14 -9.91 -13.21 4.96
C ALA D 14 -10.04 -11.84 4.29
N MET D 15 -11.10 -11.65 3.52
CA MET D 15 -11.30 -10.43 2.79
C MET D 15 -11.66 -9.29 3.74
N LYS D 16 -12.45 -9.59 4.76
CA LYS D 16 -12.74 -8.60 5.80
C LYS D 16 -11.44 -8.10 6.40
N TYR D 17 -10.59 -9.06 6.73
CA TYR D 17 -9.31 -8.71 7.33
C TYR D 17 -8.46 -7.85 6.40
N LEU D 18 -8.39 -8.22 5.14
CA LEU D 18 -7.56 -7.50 4.18
C LEU D 18 -8.07 -6.09 3.94
N ILE D 19 -9.37 -5.93 3.85
CA ILE D 19 -9.97 -4.64 3.68
C ILE D 19 -9.63 -3.71 4.82
N GLU D 20 -9.84 -4.21 6.03
CA GLU D 20 -9.54 -3.41 7.20
C GLU D 20 -8.05 -3.15 7.34
N HIS D 21 -7.26 -4.06 6.82
CA HIS D 21 -5.80 -3.92 6.90
C HIS D 21 -5.25 -2.89 5.95
N TYR D 22 -5.72 -2.92 4.72
CA TYR D 22 -5.19 -2.00 3.68
C TYR D 22 -5.85 -0.63 3.69
N PHE D 23 -7.10 -0.55 4.19
CA PHE D 23 -7.84 0.70 4.21
C PHE D 23 -8.13 1.11 5.65
N ASP D 24 -7.30 2.05 6.11
CA ASP D 24 -7.34 2.61 7.45
C ASP D 24 -8.66 3.19 7.83
N ASN D 25 -9.13 2.83 9.01
CA ASN D 25 -10.41 3.33 9.50
C ASN D 25 -11.56 3.00 8.55
N PHE D 26 -11.40 1.97 7.74
CA PHE D 26 -12.56 1.36 7.12
C PHE D 26 -12.98 0.22 8.02
N LYS D 27 -14.22 0.27 8.47
CA LYS D 27 -14.74 -0.79 9.35
C LYS D 27 -15.78 -1.63 8.63
N VAL D 28 -15.54 -2.92 8.58
CA VAL D 28 -16.47 -3.85 7.97
C VAL D 28 -17.48 -4.34 9.00
N ASP D 29 -18.72 -3.92 8.84
CA ASP D 29 -19.80 -4.34 9.69
C ASP D 29 -20.51 -5.55 9.10
N SER D 30 -20.56 -5.61 7.79
CA SER D 30 -21.12 -6.79 7.12
C SER D 30 -20.39 -7.02 5.82
N ILE D 31 -20.39 -8.26 5.39
CA ILE D 31 -19.72 -8.62 4.16
C ILE D 31 -20.22 -9.94 3.62
N GLU D 32 -20.59 -9.95 2.35
CA GLU D 32 -21.05 -11.17 1.70
C GLU D 32 -20.54 -11.26 0.26
N ILE D 33 -20.37 -12.48 -0.23
CA ILE D 33 -20.03 -12.69 -1.63
C ILE D 33 -21.29 -12.40 -2.46
N ILE D 34 -21.19 -11.51 -3.42
CA ILE D 34 -22.33 -11.06 -4.22
C ILE D 34 -22.19 -11.57 -5.65
N GLY D 35 -20.98 -11.90 -6.04
CA GLY D 35 -20.77 -12.46 -7.33
C GLY D 35 -19.35 -12.83 -7.58
N SER D 36 -19.18 -13.50 -8.70
CA SER D 36 -17.84 -13.74 -9.22
C SER D 36 -17.88 -13.86 -10.74
N GLY D 37 -16.73 -13.57 -11.34
CA GLY D 37 -16.51 -13.74 -12.77
C GLY D 37 -15.30 -14.59 -13.01
N TYR D 38 -14.78 -14.55 -14.23
CA TYR D 38 -13.65 -15.40 -14.56
C TYR D 38 -12.36 -14.85 -13.99
N ASP D 39 -12.35 -13.56 -13.64
CA ASP D 39 -11.18 -12.85 -13.16
C ASP D 39 -11.22 -12.57 -11.65
N SER D 40 -12.44 -12.34 -11.14
CA SER D 40 -12.57 -11.69 -9.86
C SER D 40 -13.66 -12.35 -8.98
N VAL D 41 -13.64 -11.98 -7.72
CA VAL D 41 -14.75 -12.28 -6.82
C VAL D 41 -15.14 -11.00 -6.14
N ALA D 42 -16.44 -10.75 -6.10
CA ALA D 42 -16.92 -9.49 -5.61
C ALA D 42 -17.71 -9.65 -4.34
N TYR D 43 -17.48 -8.75 -3.41
CA TYR D 43 -18.12 -8.80 -2.10
C TYR D 43 -18.92 -7.52 -1.89
N LEU D 44 -20.11 -7.65 -1.33
CA LEU D 44 -20.92 -6.52 -0.89
C LEU D 44 -20.67 -6.27 0.60
N VAL D 45 -20.20 -5.08 0.90
CA VAL D 45 -19.69 -4.70 2.21
C VAL D 45 -20.53 -3.58 2.77
N ASN D 46 -21.03 -3.78 4.00
CA ASN D 46 -21.94 -2.80 4.66
C ASN D 46 -23.16 -2.42 3.82
N ASN D 47 -23.63 -3.38 3.04
CA ASN D 47 -24.73 -3.18 2.09
C ASN D 47 -24.63 -1.96 1.18
N GLU D 48 -23.39 -1.51 0.95
CA GLU D 48 -23.16 -0.22 0.35
C GLU D 48 -22.01 -0.22 -0.67
N TYR D 49 -20.97 -0.99 -0.37
CA TYR D 49 -19.77 -1.02 -1.22
C TYR D 49 -19.55 -2.37 -1.86
N ILE D 50 -19.08 -2.31 -3.09
CA ILE D 50 -18.59 -3.48 -3.79
C ILE D 50 -17.09 -3.44 -3.60
N PHE D 51 -16.53 -4.56 -3.19
CA PHE D 51 -15.08 -4.77 -3.21
C PHE D 51 -14.81 -5.95 -4.12
N LYS D 52 -14.14 -5.67 -5.22
CA LYS D 52 -13.71 -6.64 -6.22
C LYS D 52 -12.33 -7.04 -5.79
N THR D 53 -12.03 -8.34 -5.82
CA THR D 53 -10.66 -8.78 -5.56
C THR D 53 -10.27 -9.76 -6.64
N LYS D 54 -9.01 -9.67 -7.02
CA LYS D 54 -8.64 -10.39 -8.25
C LYS D 54 -7.96 -11.76 -8.07
N PHE D 55 -8.60 -12.81 -8.60
CA PHE D 55 -8.12 -14.20 -8.42
C PHE D 55 -7.47 -14.75 -9.69
N SER D 56 -7.92 -14.38 -10.89
CA SER D 56 -7.32 -14.95 -12.09
C SER D 56 -5.87 -14.47 -12.22
N THR D 57 -5.13 -15.34 -12.88
CA THR D 57 -3.74 -15.00 -13.37
C THR D 57 -3.75 -14.40 -14.80
N ASN D 58 -3.45 -13.08 -14.93
CA ASN D 58 -3.34 -12.34 -16.23
C ASN D 58 -2.57 -11.00 -16.11
N LYS D 59 -1.35 -11.01 -16.63
CA LYS D 59 -0.49 -9.83 -16.68
C LYS D 59 -0.96 -8.78 -17.72
N LYS D 60 -1.69 -9.21 -18.76
CA LYS D 60 -2.23 -8.33 -19.85
C LYS D 60 -3.38 -7.43 -19.31
N LYS D 61 -4.44 -8.05 -18.75
CA LYS D 61 -5.50 -7.32 -17.97
C LYS D 61 -4.93 -6.76 -16.64
N GLY D 62 -5.77 -6.49 -15.64
CA GLY D 62 -5.29 -5.80 -14.41
C GLY D 62 -6.04 -4.60 -13.84
N TYR D 63 -6.01 -4.56 -12.52
CA TYR D 63 -6.79 -3.57 -11.80
C TYR D 63 -6.21 -2.17 -11.97
N ALA D 64 -4.93 -2.03 -12.27
CA ALA D 64 -4.34 -0.70 -12.51
C ALA D 64 -5.03 -0.04 -13.70
N LYS D 65 -5.16 -0.79 -14.80
CA LYS D 65 -5.79 -0.26 -16.00
C LYS D 65 -7.28 -0.02 -15.79
N GLU D 66 -7.94 -0.95 -15.12
CA GLU D 66 -9.36 -0.86 -14.87
C GLU D 66 -9.66 0.40 -14.06
N LYS D 67 -8.87 0.63 -13.02
CA LYS D 67 -8.98 1.84 -12.23
C LYS D 67 -8.75 3.08 -13.04
N ALA D 68 -7.73 3.06 -13.88
CA ALA D 68 -7.45 4.23 -14.73
C ALA D 68 -8.61 4.52 -15.64
N ILE D 69 -9.23 3.46 -16.09
CA ILE D 69 -10.38 3.62 -16.98
C ILE D 69 -11.60 4.17 -16.25
N TYR D 70 -11.90 3.67 -15.05
CA TYR D 70 -13.01 4.24 -14.29
C TYR D 70 -12.78 5.72 -14.04
N ASN D 71 -11.57 6.08 -13.67
CA ASN D 71 -11.24 7.47 -13.39
C ASN D 71 -11.41 8.33 -14.67
N PHE D 72 -10.89 7.83 -15.79
CA PHE D 72 -11.02 8.53 -17.06
C PHE D 72 -12.49 8.71 -17.46
N LEU D 73 -13.29 7.67 -17.26
CA LEU D 73 -14.65 7.74 -17.68
C LEU D 73 -15.47 8.64 -16.76
N ASN D 74 -15.21 8.55 -15.45
CA ASN D 74 -15.99 9.36 -14.51
C ASN D 74 -15.69 10.85 -14.70
N THR D 75 -14.48 11.15 -15.14
CA THR D 75 -14.11 12.51 -15.54
C THR D 75 -14.77 12.98 -16.84
N ASN D 76 -14.81 12.13 -17.85
CA ASN D 76 -15.13 12.58 -19.21
C ASN D 76 -16.47 12.20 -19.78
N LEU D 77 -17.16 11.20 -19.24
CA LEU D 77 -18.49 10.87 -19.76
C LEU D 77 -19.48 11.89 -19.25
N GLU D 78 -20.41 12.28 -20.10
CA GLU D 78 -21.63 12.97 -19.63
C GLU D 78 -22.80 12.07 -19.88
N THR D 79 -23.32 11.45 -18.83
CA THR D 79 -24.34 10.42 -18.99
C THR D 79 -25.04 10.25 -17.67
N ASN D 80 -26.28 9.79 -17.71
CA ASN D 80 -27.01 9.40 -16.50
C ASN D 80 -26.71 7.99 -16.06
N VAL D 81 -26.11 7.22 -16.95
CA VAL D 81 -25.80 5.85 -16.65
C VAL D 81 -24.61 5.78 -15.66
N LYS D 82 -24.81 5.09 -14.56
CA LYS D 82 -23.76 4.96 -13.55
C LYS D 82 -22.77 3.86 -13.86
N ILE D 83 -21.52 4.12 -13.53
CA ILE D 83 -20.43 3.14 -13.64
C ILE D 83 -19.59 3.19 -12.33
N PRO D 84 -18.77 2.16 -12.06
CA PRO D 84 -18.06 2.19 -10.78
C PRO D 84 -17.25 3.44 -10.61
N ASN D 85 -17.25 3.99 -9.41
CA ASN D 85 -16.39 5.12 -9.11
C ASN D 85 -15.46 4.73 -7.95
N ILE D 86 -14.20 4.51 -8.25
CA ILE D 86 -13.28 3.89 -7.32
C ILE D 86 -12.93 4.78 -6.14
N GLU D 87 -13.28 4.35 -4.94
CA GLU D 87 -12.89 5.06 -3.70
C GLU D 87 -11.72 4.39 -2.97
N TYR D 88 -11.57 3.08 -3.12
CA TYR D 88 -10.50 2.36 -2.47
C TYR D 88 -9.78 1.48 -3.45
N SER D 89 -8.46 1.43 -3.36
CA SER D 89 -7.73 0.53 -4.23
C SER D 89 -6.47 0.10 -3.55
N TYR D 90 -6.10 -1.16 -3.74
CA TYR D 90 -4.78 -1.69 -3.39
C TYR D 90 -4.32 -2.59 -4.54
N ILE D 91 -3.15 -2.30 -5.08
CA ILE D 91 -2.72 -3.00 -6.27
C ILE D 91 -1.33 -3.53 -6.11
N SER D 92 -1.18 -4.82 -6.37
CA SER D 92 0.13 -5.50 -6.33
C SER D 92 0.01 -6.68 -7.27
N ASP D 93 1.13 -7.29 -7.61
CA ASP D 93 1.14 -8.45 -8.52
C ASP D 93 0.28 -9.59 -7.98
N GLU D 94 0.37 -9.78 -6.68
CA GLU D 94 -0.22 -10.96 -6.05
C GLU D 94 -1.65 -10.69 -5.63
N LEU D 95 -2.02 -9.44 -5.46
CA LEU D 95 -3.30 -9.09 -4.83
C LEU D 95 -3.74 -7.72 -5.22
N SER D 96 -4.98 -7.65 -5.70
CA SER D 96 -5.56 -6.38 -6.05
C SER D 96 -6.99 -6.33 -5.55
N ILE D 97 -7.32 -5.14 -5.06
CA ILE D 97 -8.63 -4.85 -4.59
C ILE D 97 -9.07 -3.50 -5.14
N LEU D 98 -10.32 -3.44 -5.61
CA LEU D 98 -10.98 -2.17 -5.96
C LEU D 98 -12.25 -2.10 -5.19
N GLY D 99 -12.50 -0.96 -4.58
CA GLY D 99 -13.77 -0.68 -3.91
C GLY D 99 -14.52 0.53 -4.44
N TYR D 100 -15.82 0.37 -4.60
CA TYR D 100 -16.67 1.42 -5.07
C TYR D 100 -18.07 1.21 -4.52
N LYS D 101 -18.88 2.26 -4.56
CA LYS D 101 -20.27 2.15 -4.13
C LYS D 101 -21.02 1.28 -5.13
N GLU D 102 -21.76 0.35 -4.56
CA GLU D 102 -22.54 -0.61 -5.33
C GLU D 102 -23.46 0.11 -6.29
N ILE D 103 -23.42 -0.28 -7.55
CA ILE D 103 -24.42 0.22 -8.48
C ILE D 103 -25.69 -0.61 -8.33
N LYS D 104 -26.76 0.09 -8.00
CA LYS D 104 -28.04 -0.54 -7.68
C LYS D 104 -28.88 -0.78 -8.94
N GLY D 105 -29.60 -1.89 -8.97
CA GLY D 105 -30.45 -2.19 -10.09
C GLY D 105 -30.58 -3.68 -10.28
N THR D 106 -31.21 -4.06 -11.36
CA THR D 106 -31.46 -5.45 -11.72
C THR D 106 -30.78 -5.73 -13.04
N PHE D 107 -30.06 -6.83 -13.08
CA PHE D 107 -29.31 -7.19 -14.27
C PHE D 107 -30.26 -7.60 -15.37
N LEU D 108 -29.96 -7.13 -16.57
CA LEU D 108 -30.71 -7.48 -17.75
C LEU D 108 -30.52 -8.96 -18.05
N THR D 109 -31.61 -9.62 -18.34
CA THR D 109 -31.62 -11.01 -18.76
C THR D 109 -32.59 -11.18 -19.91
N PRO D 110 -32.42 -12.26 -20.70
CA PRO D 110 -33.43 -12.58 -21.72
C PRO D 110 -34.86 -12.65 -21.22
N GLU D 111 -35.03 -13.23 -20.05
CA GLU D 111 -36.36 -13.42 -19.45
C GLU D 111 -37.02 -12.05 -19.22
N ILE D 112 -36.27 -11.18 -18.56
CA ILE D 112 -36.75 -9.85 -18.28
C ILE D 112 -37.04 -9.07 -19.57
N TYR D 113 -36.13 -9.16 -20.54
CA TYR D 113 -36.34 -8.48 -21.81
C TYR D 113 -37.67 -8.87 -22.46
N SER D 114 -37.98 -10.16 -22.44
CA SER D 114 -39.15 -10.67 -23.08
C SER D 114 -40.45 -10.19 -22.41
N THR D 115 -40.37 -9.78 -21.15
CA THR D 115 -41.56 -9.19 -20.44
C THR D 115 -41.72 -7.70 -20.74
N MET D 116 -40.67 -7.07 -21.25
CA MET D 116 -40.73 -5.63 -21.47
C MET D 116 -41.66 -5.33 -22.65
N SER D 117 -42.39 -4.22 -22.55
CA SER D 117 -43.17 -3.74 -23.68
C SER D 117 -42.27 -3.34 -24.82
N GLU D 118 -42.83 -3.29 -26.01
CA GLU D 118 -42.07 -2.83 -27.19
C GLU D 118 -41.40 -1.47 -26.96
N GLU D 119 -42.11 -0.54 -26.35
CA GLU D 119 -41.58 0.78 -26.06
C GLU D 119 -40.39 0.73 -25.09
N GLU D 120 -40.52 -0.06 -24.04
CA GLU D 120 -39.43 -0.27 -23.10
C GLU D 120 -38.22 -0.84 -23.80
N GLN D 121 -38.44 -1.82 -24.65
CA GLN D 121 -37.34 -2.45 -25.36
C GLN D 121 -36.63 -1.43 -26.23
N ASN D 122 -37.38 -0.64 -26.98
CA ASN D 122 -36.80 0.38 -27.83
C ASN D 122 -36.03 1.39 -27.03
N LEU D 123 -36.52 1.80 -25.87
CA LEU D 123 -35.79 2.77 -25.05
C LEU D 123 -34.48 2.21 -24.56
N LEU D 124 -34.51 0.95 -24.19
CA LEU D 124 -33.30 0.29 -23.72
C LEU D 124 -32.27 0.22 -24.84
N LYS D 125 -32.70 -0.18 -26.04
CA LYS D 125 -31.76 -0.26 -27.15
C LYS D 125 -31.22 1.12 -27.43
N ARG D 126 -32.05 2.14 -27.37
CA ARG D 126 -31.60 3.52 -27.57
C ARG D 126 -30.62 3.94 -26.51
N ASP D 127 -30.90 3.59 -25.26
CA ASP D 127 -29.99 3.93 -24.16
C ASP D 127 -28.63 3.27 -24.37
N ILE D 128 -28.64 2.03 -24.83
CA ILE D 128 -27.37 1.31 -25.03
C ILE D 128 -26.61 1.94 -26.20
N ALA D 129 -27.29 2.14 -27.31
CA ALA D 129 -26.63 2.73 -28.47
C ALA D 129 -26.02 4.07 -28.12
N SER D 130 -26.76 4.85 -27.38
CA SER D 130 -26.33 6.19 -26.97
C SER D 130 -25.11 6.15 -26.08
N PHE D 131 -25.13 5.24 -25.10
CA PHE D 131 -23.98 5.08 -24.19
C PHE D 131 -22.74 4.68 -24.97
N LEU D 132 -22.88 3.69 -25.84
CA LEU D 132 -21.76 3.23 -26.67
C LEU D 132 -21.26 4.33 -27.63
N ARG D 133 -22.18 5.11 -28.20
CA ARG D 133 -21.81 6.18 -29.11
C ARG D 133 -20.95 7.22 -28.35
N GLN D 134 -21.40 7.60 -27.16
CA GLN D 134 -20.66 8.53 -26.35
C GLN D 134 -19.32 7.99 -25.93
N MET D 135 -19.26 6.75 -25.45
CA MET D 135 -17.99 6.22 -25.01
C MET D 135 -17.01 6.11 -26.16
N HIS D 136 -17.48 5.56 -27.25
CA HIS D 136 -16.63 5.36 -28.42
C HIS D 136 -16.17 6.68 -29.06
N GLY D 137 -16.89 7.76 -28.80
CA GLY D 137 -16.51 9.06 -29.30
C GLY D 137 -15.53 9.82 -28.45
N LEU D 138 -15.18 9.32 -27.27
CA LEU D 138 -14.26 10.05 -26.44
C LEU D 138 -12.88 10.09 -27.02
N ASP D 139 -12.27 11.26 -26.89
CA ASP D 139 -10.88 11.44 -27.20
C ASP D 139 -10.10 10.70 -26.09
N TYR D 140 -9.31 9.72 -26.49
CA TYR D 140 -8.68 8.81 -25.54
C TYR D 140 -7.18 9.05 -25.36
N THR D 141 -6.75 10.24 -25.72
CA THR D 141 -5.32 10.59 -25.58
C THR D 141 -4.84 10.33 -24.15
N ASP D 142 -5.65 10.72 -23.17
CA ASP D 142 -5.25 10.63 -21.77
C ASP D 142 -5.08 9.19 -21.22
N ILE D 143 -5.61 8.20 -21.93
CA ILE D 143 -5.38 6.79 -21.58
C ILE D 143 -4.78 6.02 -22.75
N SER D 144 -3.90 6.68 -23.51
CA SER D 144 -3.44 6.12 -24.79
C SER D 144 -2.62 4.84 -24.61
N GLU D 145 -2.12 4.64 -23.39
CA GLU D 145 -1.39 3.43 -23.05
C GLU D 145 -2.29 2.20 -22.89
N CYS D 146 -3.59 2.40 -22.74
CA CYS D 146 -4.53 1.28 -22.55
C CYS D 146 -5.03 0.65 -23.85
N THR D 147 -4.13 0.45 -24.79
CA THR D 147 -4.46 -0.20 -26.06
C THR D 147 -4.50 -1.71 -25.88
N ILE D 148 -5.35 -2.34 -26.66
CA ILE D 148 -5.42 -3.77 -26.70
C ILE D 148 -5.41 -4.18 -28.13
N ASP D 149 -4.53 -5.11 -28.41
CA ASP D 149 -4.36 -5.70 -29.73
C ASP D 149 -4.76 -7.18 -29.65
N ASN D 150 -5.99 -7.47 -30.05
CA ASN D 150 -6.53 -8.83 -29.96
C ASN D 150 -5.75 -9.82 -30.80
N LYS D 151 -5.34 -9.42 -31.98
CA LYS D 151 -4.60 -10.32 -32.84
C LYS D 151 -3.32 -10.75 -32.18
N GLN D 152 -2.58 -9.79 -31.67
CA GLN D 152 -1.33 -10.04 -31.01
C GLN D 152 -1.54 -10.91 -29.77
N ASN D 153 -2.58 -10.62 -29.02
CA ASN D 153 -2.92 -11.40 -27.83
C ASN D 153 -3.14 -12.86 -28.17
N VAL D 154 -3.90 -13.09 -29.23
CA VAL D 154 -4.15 -14.45 -29.68
C VAL D 154 -2.88 -15.15 -30.12
N LEU D 155 -2.01 -14.44 -30.82
CA LEU D 155 -0.74 -15.01 -31.21
C LEU D 155 0.08 -15.44 -29.99
N GLU D 156 0.12 -14.60 -28.98
CA GLU D 156 0.78 -14.94 -27.74
C GLU D 156 0.20 -16.16 -27.02
N GLU D 157 -1.12 -16.26 -27.03
CA GLU D 157 -1.80 -17.43 -26.47
C GLU D 157 -1.53 -18.69 -27.26
N TYR D 158 -1.44 -18.53 -28.57
CA TYR D 158 -1.07 -19.64 -29.45
C TYR D 158 0.35 -20.11 -29.15
N ILE D 159 1.25 -19.18 -28.94
CA ILE D 159 2.62 -19.54 -28.59
C ILE D 159 2.66 -20.31 -27.26
N LEU D 160 1.87 -19.87 -26.30
CA LEU D 160 1.76 -20.58 -25.04
C LEU D 160 1.29 -22.02 -25.25
N LEU D 161 0.29 -22.21 -26.11
CA LEU D 161 -0.20 -23.55 -26.43
C LEU D 161 0.91 -24.40 -26.98
N ARG D 162 1.64 -23.85 -27.93
CA ARG D 162 2.74 -24.57 -28.57
C ARG D 162 3.79 -24.97 -27.55
N GLU D 163 3.99 -24.13 -26.56
CA GLU D 163 4.95 -24.37 -25.51
C GLU D 163 4.49 -25.36 -24.44
N THR D 164 3.20 -25.64 -24.39
CA THR D 164 2.66 -26.43 -23.32
C THR D 164 2.02 -27.68 -23.88
N ILE D 165 0.74 -27.63 -24.19
CA ILE D 165 0.02 -28.87 -24.46
C ILE D 165 -0.27 -29.19 -25.91
N TYR D 166 0.10 -28.31 -26.82
CA TYR D 166 -0.25 -28.49 -28.23
C TYR D 166 0.14 -29.87 -28.74
N ASN D 167 1.34 -30.32 -28.44
CA ASN D 167 1.83 -31.60 -28.96
C ASN D 167 1.05 -32.82 -28.49
N ASP D 168 0.40 -32.68 -27.35
CA ASP D 168 -0.47 -33.73 -26.82
C ASP D 168 -1.90 -33.70 -27.33
N LEU D 169 -2.25 -32.71 -28.11
CA LEU D 169 -3.62 -32.59 -28.61
C LEU D 169 -3.84 -33.58 -29.73
N THR D 170 -5.10 -33.90 -30.00
CA THR D 170 -5.42 -34.74 -31.15
C THR D 170 -5.27 -33.98 -32.47
N ASP D 171 -5.24 -34.72 -33.57
CA ASP D 171 -5.22 -34.12 -34.88
C ASP D 171 -6.46 -33.24 -35.11
N ILE D 172 -7.60 -33.70 -34.65
CA ILE D 172 -8.82 -32.93 -34.80
C ILE D 172 -8.72 -31.57 -34.08
N GLU D 173 -8.16 -31.59 -32.87
CA GLU D 173 -8.01 -30.40 -32.07
C GLU D 173 -6.99 -29.45 -32.71
N LYS D 174 -5.87 -30.02 -33.12
CA LYS D 174 -4.84 -29.26 -33.80
C LYS D 174 -5.36 -28.61 -35.07
N ASP D 175 -6.11 -29.36 -35.87
CA ASP D 175 -6.68 -28.78 -37.09
C ASP D 175 -7.67 -27.63 -36.81
N TYR D 176 -8.47 -27.75 -35.75
CA TYR D 176 -9.37 -26.66 -35.39
C TYR D 176 -8.58 -25.41 -35.10
N ILE D 177 -7.52 -25.55 -34.34
CA ILE D 177 -6.71 -24.41 -33.93
C ILE D 177 -5.99 -23.77 -35.12
N GLU D 178 -5.38 -24.60 -35.94
CA GLU D 178 -4.69 -24.10 -37.13
C GLU D 178 -5.63 -23.43 -38.11
N SER D 179 -6.79 -24.03 -38.28
CA SER D 179 -7.78 -23.44 -39.14
C SER D 179 -8.21 -22.05 -38.63
N PHE D 180 -8.36 -21.96 -37.34
CA PHE D 180 -8.67 -20.68 -36.74
C PHE D 180 -7.55 -19.66 -36.97
N MET D 181 -6.32 -20.10 -36.78
CA MET D 181 -5.16 -19.18 -36.91
C MET D 181 -5.04 -18.66 -38.36
N GLU D 182 -5.36 -19.52 -39.31
CA GLU D 182 -5.41 -19.13 -40.71
C GLU D 182 -6.48 -18.06 -40.96
N ARG D 183 -7.64 -18.26 -40.39
CA ARG D 183 -8.70 -17.27 -40.48
C ARG D 183 -8.28 -15.94 -39.87
N LEU D 184 -7.68 -16.01 -38.70
CA LEU D 184 -7.24 -14.80 -38.02
C LEU D 184 -6.25 -13.99 -38.87
N ASN D 185 -5.42 -14.70 -39.60
CA ASN D 185 -4.41 -14.11 -40.44
C ASN D 185 -5.00 -13.48 -41.68
N ALA D 186 -6.09 -14.03 -42.18
CA ALA D 186 -6.72 -13.53 -43.39
C ALA D 186 -7.75 -12.42 -43.15
N THR D 187 -8.34 -12.35 -41.98
CA THR D 187 -9.48 -11.43 -41.80
C THR D 187 -9.04 -9.96 -41.91
N THR D 188 -9.97 -9.10 -42.31
CA THR D 188 -9.75 -7.65 -42.31
C THR D 188 -10.51 -6.93 -41.21
N VAL D 189 -11.13 -7.67 -40.30
CA VAL D 189 -11.93 -7.02 -39.29
C VAL D 189 -11.19 -6.19 -38.24
N PHE D 190 -9.87 -6.29 -38.20
CA PHE D 190 -9.05 -5.47 -37.29
C PHE D 190 -8.60 -4.15 -37.90
N GLU D 191 -9.06 -3.81 -39.09
CA GLU D 191 -8.54 -2.68 -39.82
C GLU D 191 -9.45 -1.47 -39.77
N GLY D 192 -10.47 -1.51 -38.93
CA GLY D 192 -11.39 -0.40 -38.79
C GLY D 192 -11.05 0.49 -37.62
N LYS D 193 -12.04 1.29 -37.24
CA LYS D 193 -11.90 2.28 -36.18
C LYS D 193 -11.57 1.64 -34.86
N LYS D 194 -10.61 2.26 -34.19
CA LYS D 194 -10.21 1.90 -32.83
C LYS D 194 -10.77 2.97 -31.91
N CYS D 195 -11.30 2.54 -30.78
CA CYS D 195 -11.79 3.48 -29.79
C CYS D 195 -11.84 2.82 -28.45
N LEU D 196 -12.14 3.61 -27.43
CA LEU D 196 -12.28 3.08 -26.10
C LEU D 196 -13.58 2.26 -26.02
N CYS D 197 -13.44 0.98 -25.72
CA CYS D 197 -14.57 0.04 -25.64
C CYS D 197 -14.64 -0.61 -24.28
N HIS D 198 -15.84 -0.95 -23.87
CA HIS D 198 -16.05 -1.66 -22.61
C HIS D 198 -15.34 -3.02 -22.70
N ASN D 199 -15.58 -3.67 -23.82
CA ASN D 199 -14.90 -4.90 -24.22
C ASN D 199 -15.30 -6.17 -23.47
N ASP D 200 -16.41 -6.12 -22.76
CA ASP D 200 -17.04 -7.34 -22.19
C ASP D 200 -18.52 -7.03 -22.00
N PHE D 201 -19.12 -6.56 -23.07
CA PHE D 201 -20.41 -5.82 -22.99
C PHE D 201 -21.60 -6.76 -23.16
N SER D 202 -21.85 -7.55 -22.14
CA SER D 202 -22.86 -8.60 -22.16
C SER D 202 -23.97 -8.20 -21.21
N CYS D 203 -25.10 -8.87 -21.30
CA CYS D 203 -26.22 -8.34 -20.51
C CYS D 203 -26.08 -8.54 -19.00
N ASN D 204 -25.26 -9.47 -18.56
CA ASN D 204 -24.95 -9.58 -17.13
C ASN D 204 -24.15 -8.41 -16.54
N HIS D 205 -23.73 -7.47 -17.35
CA HIS D 205 -23.09 -6.27 -16.83
C HIS D 205 -23.96 -5.05 -16.96
N LEU D 206 -25.21 -5.24 -17.41
CA LEU D 206 -26.11 -4.09 -17.62
C LEU D 206 -27.20 -4.09 -16.59
N LEU D 207 -27.34 -2.98 -15.89
CA LEU D 207 -28.29 -2.86 -14.81
C LEU D 207 -29.50 -1.99 -15.23
N LEU D 208 -30.67 -2.49 -14.91
CA LEU D 208 -31.92 -1.77 -15.14
C LEU D 208 -32.49 -1.21 -13.83
N ASP D 209 -33.09 -0.02 -13.92
CA ASP D 209 -33.84 0.55 -12.79
C ASP D 209 -35.25 -0.04 -12.77
N GLY D 210 -36.09 0.50 -11.90
CA GLY D 210 -37.45 0.00 -11.69
C GLY D 210 -38.40 0.21 -12.88
N ASN D 211 -38.03 1.09 -13.80
CA ASN D 211 -38.77 1.28 -15.06
C ASN D 211 -38.17 0.56 -16.28
N ASN D 212 -37.24 -0.36 -16.02
CA ASN D 212 -36.54 -1.10 -17.07
C ASN D 212 -35.74 -0.21 -18.01
N ARG D 213 -35.27 0.91 -17.50
CA ARG D 213 -34.31 1.74 -18.20
C ARG D 213 -32.88 1.39 -17.72
N LEU D 214 -31.95 1.53 -18.64
CA LEU D 214 -30.57 1.27 -18.35
C LEU D 214 -30.13 2.29 -17.31
N THR D 215 -29.64 1.81 -16.18
CA THR D 215 -29.27 2.67 -15.07
C THR D 215 -27.78 2.55 -14.69
N GLY D 216 -27.15 1.42 -15.01
CA GLY D 216 -25.73 1.27 -14.72
C GLY D 216 -25.07 0.19 -15.54
N ILE D 217 -23.75 0.28 -15.61
CA ILE D 217 -22.91 -0.68 -16.31
C ILE D 217 -21.68 -0.97 -15.45
N ILE D 218 -21.36 -2.24 -15.29
CA ILE D 218 -20.22 -2.64 -14.50
C ILE D 218 -19.19 -3.38 -15.31
N ASP D 219 -18.09 -3.67 -14.63
CA ASP D 219 -17.00 -4.53 -15.12
C ASP D 219 -16.38 -4.04 -16.41
N PHE D 220 -15.65 -2.95 -16.29
CA PHE D 220 -14.84 -2.43 -17.37
C PHE D 220 -13.43 -2.98 -17.21
N GLY D 221 -13.33 -4.16 -16.59
CA GLY D 221 -12.04 -4.81 -16.35
C GLY D 221 -11.31 -5.32 -17.56
N ASP D 222 -11.92 -5.36 -18.72
CA ASP D 222 -11.22 -5.69 -19.95
C ASP D 222 -11.23 -4.53 -20.94
N SER D 223 -11.69 -3.37 -20.48
CA SER D 223 -11.79 -2.21 -21.30
C SER D 223 -10.44 -1.73 -21.81
N GLY D 224 -10.49 -1.09 -22.97
CA GLY D 224 -9.31 -0.51 -23.54
C GLY D 224 -9.60 0.06 -24.89
N ILE D 225 -8.55 0.56 -25.51
CA ILE D 225 -8.65 1.10 -26.83
C ILE D 225 -8.47 -0.07 -27.79
N ILE D 226 -9.49 -0.32 -28.60
CA ILE D 226 -9.58 -1.58 -29.31
C ILE D 226 -10.58 -1.39 -30.47
N ASP D 227 -10.80 -2.42 -31.27
CA ASP D 227 -11.80 -2.29 -32.37
C ASP D 227 -13.20 -1.92 -31.88
N GLU D 228 -13.76 -0.92 -32.53
CA GLU D 228 -15.15 -0.50 -32.33
C GLU D 228 -16.15 -1.68 -32.36
N TYR D 229 -15.90 -2.66 -33.21
CA TYR D 229 -16.78 -3.82 -33.31
C TYR D 229 -16.90 -4.66 -32.01
N CYS D 230 -15.90 -4.54 -31.16
CA CYS D 230 -15.80 -5.32 -29.90
C CYS D 230 -17.01 -5.19 -29.03
N ASP D 231 -17.57 -3.99 -28.95
CA ASP D 231 -18.68 -3.76 -28.02
C ASP D 231 -20.01 -4.29 -28.49
N PHE D 232 -20.04 -4.93 -29.65
CA PHE D 232 -21.27 -5.58 -30.14
C PHE D 232 -21.25 -7.12 -30.17
N ILE D 233 -20.14 -7.69 -29.76
CA ILE D 233 -19.92 -9.11 -29.82
C ILE D 233 -20.96 -9.88 -29.01
N TYR D 234 -21.30 -9.41 -27.81
CA TYR D 234 -22.27 -10.13 -26.99
C TYR D 234 -23.70 -9.72 -27.30
N LEU D 235 -23.88 -8.46 -27.68
CA LEU D 235 -25.18 -8.01 -28.13
C LEU D 235 -25.63 -8.79 -29.36
N LEU D 236 -24.68 -9.25 -30.18
CA LEU D 236 -24.97 -10.04 -31.36
C LEU D 236 -25.02 -11.55 -31.14
N GLU D 237 -24.80 -11.97 -29.91
CA GLU D 237 -24.69 -13.41 -29.62
C GLU D 237 -26.06 -14.07 -29.51
N ASP D 238 -26.15 -15.24 -30.13
CA ASP D 238 -27.30 -16.10 -29.99
C ASP D 238 -26.96 -17.18 -28.98
N SER D 239 -27.42 -17.01 -27.75
CA SER D 239 -27.20 -18.01 -26.66
C SER D 239 -28.25 -17.85 -25.60
N GLU D 240 -28.28 -18.75 -24.66
CA GLU D 240 -29.25 -18.69 -23.55
C GLU D 240 -28.96 -17.52 -22.61
N GLU D 241 -27.72 -17.09 -22.55
CA GLU D 241 -27.31 -15.98 -21.68
C GLU D 241 -27.61 -14.58 -22.24
N GLU D 242 -27.65 -14.47 -23.56
CA GLU D 242 -27.79 -13.16 -24.21
C GLU D 242 -29.17 -13.04 -24.85
N ILE D 243 -29.53 -11.82 -25.23
CA ILE D 243 -30.87 -11.58 -25.71
C ILE D 243 -31.08 -12.13 -27.10
N GLY D 244 -30.14 -11.89 -27.98
CA GLY D 244 -30.23 -12.43 -29.33
C GLY D 244 -29.64 -11.53 -30.40
N THR D 245 -29.34 -12.14 -31.53
CA THR D 245 -28.77 -11.47 -32.68
C THR D 245 -29.57 -10.26 -33.12
N ASN D 246 -30.88 -10.34 -33.12
CA ASN D 246 -31.74 -9.22 -33.53
C ASN D 246 -31.65 -7.99 -32.63
N PHE D 247 -31.42 -8.24 -31.36
CA PHE D 247 -31.20 -7.20 -30.36
C PHE D 247 -29.94 -6.40 -30.76
N GLY D 248 -28.87 -7.13 -31.04
CA GLY D 248 -27.61 -6.53 -31.46
C GLY D 248 -27.69 -5.83 -32.81
N GLU D 249 -28.40 -6.45 -33.75
CA GLU D 249 -28.62 -5.81 -35.04
C GLU D 249 -29.38 -4.49 -34.90
N ASP D 250 -30.43 -4.51 -34.11
CA ASP D 250 -31.22 -3.29 -33.91
C ASP D 250 -30.38 -2.20 -33.28
N ILE D 251 -29.60 -2.56 -32.28
CA ILE D 251 -28.75 -1.59 -31.62
C ILE D 251 -27.73 -1.05 -32.59
N LEU D 252 -27.15 -1.91 -33.41
CA LEU D 252 -26.20 -1.47 -34.42
C LEU D 252 -26.84 -0.46 -35.38
N ARG D 253 -28.08 -0.69 -35.73
CA ARG D 253 -28.77 0.25 -36.60
C ARG D 253 -29.01 1.59 -35.93
N MET D 254 -29.40 1.59 -34.67
CA MET D 254 -29.56 2.83 -33.94
C MET D 254 -28.24 3.52 -33.72
N TYR D 255 -27.18 2.74 -33.50
CA TYR D 255 -25.87 3.30 -33.24
C TYR D 255 -25.37 4.04 -34.49
N GLY D 256 -25.53 3.39 -35.64
CA GLY D 256 -25.25 3.97 -36.93
C GLY D 256 -23.80 3.97 -37.35
N ASN D 257 -23.58 4.16 -38.65
CA ASN D 257 -22.25 4.36 -39.19
C ASN D 257 -21.32 3.25 -38.80
N ILE D 258 -21.75 2.04 -39.05
CA ILE D 258 -20.95 0.90 -38.75
C ILE D 258 -21.32 -0.26 -39.65
N ASP D 259 -20.33 -0.98 -40.17
CA ASP D 259 -20.57 -2.08 -41.05
C ASP D 259 -21.06 -3.29 -40.23
N ILE D 260 -22.35 -3.58 -40.35
CA ILE D 260 -22.99 -4.62 -39.56
C ILE D 260 -22.44 -6.00 -39.89
N GLU D 261 -22.14 -6.24 -41.16
CA GLU D 261 -21.63 -7.54 -41.56
C GLU D 261 -20.23 -7.80 -40.97
N LYS D 262 -19.43 -6.75 -40.88
CA LYS D 262 -18.11 -6.90 -40.28
C LYS D 262 -18.22 -7.05 -38.79
N ALA D 263 -19.17 -6.37 -38.18
CA ALA D 263 -19.44 -6.58 -36.75
C ALA D 263 -19.78 -8.04 -36.50
N LYS D 264 -20.57 -8.63 -37.37
CA LYS D 264 -20.87 -10.04 -37.25
C LYS D 264 -19.71 -10.94 -37.56
N GLU D 265 -18.90 -10.61 -38.56
CA GLU D 265 -17.68 -11.37 -38.79
C GLU D 265 -16.79 -11.37 -37.52
N TYR D 266 -16.69 -10.21 -36.88
CA TYR D 266 -15.85 -10.06 -35.70
C TYR D 266 -16.40 -10.97 -34.61
N GLN D 267 -17.69 -10.88 -34.37
CA GLN D 267 -18.32 -11.75 -33.39
C GLN D 267 -18.07 -13.22 -33.70
N ASP D 268 -18.18 -13.57 -34.95
CA ASP D 268 -18.07 -14.99 -35.38
C ASP D 268 -16.66 -15.53 -35.15
N ILE D 269 -15.67 -14.66 -35.35
CA ILE D 269 -14.28 -15.01 -35.13
C ILE D 269 -14.00 -15.19 -33.63
N VAL D 270 -14.51 -14.26 -32.83
CA VAL D 270 -14.38 -14.36 -31.38
C VAL D 270 -15.07 -15.62 -30.89
N GLU D 271 -16.20 -15.97 -31.46
CA GLU D 271 -16.92 -17.17 -31.06
C GLU D 271 -16.15 -18.42 -31.45
N GLU D 272 -15.57 -18.45 -32.62
CA GLU D 272 -14.74 -19.59 -33.03
C GLU D 272 -13.52 -19.76 -32.10
N TYR D 273 -12.98 -18.65 -31.59
CA TYR D 273 -11.86 -18.69 -30.68
C TYR D 273 -12.19 -19.25 -29.28
N TYR D 274 -13.45 -19.16 -28.89
CA TYR D 274 -13.89 -19.45 -27.54
C TYR D 274 -13.35 -20.74 -26.93
N PRO D 275 -13.49 -21.89 -27.61
CA PRO D 275 -12.94 -23.13 -27.06
C PRO D 275 -11.46 -23.06 -26.79
N ILE D 276 -10.74 -22.33 -27.62
CA ILE D 276 -9.30 -22.22 -27.52
C ILE D 276 -8.98 -21.31 -26.34
N GLU D 277 -9.72 -20.22 -26.24
CA GLU D 277 -9.60 -19.29 -25.14
C GLU D 277 -9.84 -20.01 -23.83
N THR D 278 -10.77 -20.95 -23.85
CA THR D 278 -11.15 -21.73 -22.68
C THR D 278 -9.99 -22.64 -22.29
N ILE D 279 -9.39 -23.29 -23.27
CA ILE D 279 -8.25 -24.15 -23.01
C ILE D 279 -7.11 -23.33 -22.41
N VAL D 280 -6.86 -22.18 -23.01
CA VAL D 280 -5.78 -21.31 -22.58
C VAL D 280 -6.00 -20.85 -21.15
N TYR D 281 -7.23 -20.49 -20.84
CA TYR D 281 -7.59 -20.08 -19.48
C TYR D 281 -7.24 -21.23 -18.52
N GLY D 282 -7.55 -22.47 -18.90
CA GLY D 282 -7.24 -23.62 -18.06
C GLY D 282 -5.76 -23.84 -17.84
N ILE D 283 -4.98 -23.62 -18.88
CA ILE D 283 -3.54 -23.73 -18.79
C ILE D 283 -3.00 -22.66 -17.83
N LYS D 284 -3.36 -21.42 -18.10
CA LYS D 284 -2.81 -20.29 -17.34
C LYS D 284 -3.17 -20.38 -15.85
N ASN D 285 -4.38 -20.83 -15.56
CA ASN D 285 -4.87 -20.86 -14.18
C ASN D 285 -4.79 -22.25 -13.55
N ILE D 286 -4.13 -23.18 -14.25
CA ILE D 286 -3.97 -24.55 -13.78
C ILE D 286 -5.32 -25.10 -13.35
N LYS D 287 -6.27 -25.08 -14.27
CA LYS D 287 -7.61 -25.62 -14.06
C LYS D 287 -7.95 -26.57 -15.17
N GLN D 288 -7.70 -27.83 -14.90
CA GLN D 288 -7.85 -28.90 -15.90
C GLN D 288 -9.26 -28.93 -16.47
N GLU D 289 -10.25 -28.61 -15.65
CA GLU D 289 -11.63 -28.68 -16.08
C GLU D 289 -11.89 -27.83 -17.33
N PHE D 290 -11.25 -26.67 -17.39
CA PHE D 290 -11.38 -25.78 -18.54
C PHE D 290 -10.67 -26.31 -19.78
N ILE D 291 -9.54 -26.96 -19.58
CA ILE D 291 -8.83 -27.59 -20.69
C ILE D 291 -9.73 -28.65 -21.31
N GLU D 292 -10.28 -29.50 -20.47
CA GLU D 292 -11.16 -30.57 -20.92
C GLU D 292 -12.40 -30.01 -21.61
N ASN D 293 -13.02 -28.99 -21.02
CA ASN D 293 -14.25 -28.44 -21.60
C ASN D 293 -14.02 -27.82 -22.95
N GLY D 294 -12.93 -27.09 -23.10
CA GLY D 294 -12.63 -26.49 -24.39
C GLY D 294 -12.34 -27.53 -25.46
N ARG D 295 -11.63 -28.58 -25.08
CA ARG D 295 -11.33 -29.64 -26.04
C ARG D 295 -12.58 -30.35 -26.48
N LYS D 296 -13.45 -30.64 -25.54
CA LYS D 296 -14.73 -31.28 -25.88
C LYS D 296 -15.58 -30.40 -26.79
N GLU D 297 -15.56 -29.10 -26.53
CA GLU D 297 -16.32 -28.17 -27.35
C GLU D 297 -15.78 -28.11 -28.80
N ILE D 298 -14.48 -28.33 -28.97
CA ILE D 298 -13.91 -28.44 -30.30
C ILE D 298 -14.54 -29.61 -31.06
N TYR D 299 -14.64 -30.78 -30.42
CA TYR D 299 -15.31 -31.95 -31.02
C TYR D 299 -16.75 -31.66 -31.36
N LYS D 300 -17.46 -31.04 -30.45
CA LYS D 300 -18.85 -30.75 -30.74
C LYS D 300 -18.99 -29.86 -31.98
N ARG D 301 -18.13 -28.85 -32.07
CA ARG D 301 -18.20 -27.88 -33.19
C ARG D 301 -17.73 -28.51 -34.49
N THR D 302 -16.75 -29.39 -34.41
CA THR D 302 -16.22 -30.07 -35.59
C THR D 302 -17.28 -30.93 -36.26
N TYR D 303 -18.11 -31.57 -35.45
CA TYR D 303 -19.13 -32.50 -35.99
C TYR D 303 -20.48 -31.83 -36.32
N LYS D 304 -20.68 -30.61 -35.83
CA LYS D 304 -21.89 -29.83 -36.15
C LYS D 304 -21.52 -29.19 -37.48
#